data_3V11
#
_entry.id   3V11
#
_cell.length_a   133.000
_cell.length_b   133.000
_cell.length_c   167.200
_cell.angle_alpha   90.00
_cell.angle_beta   90.00
_cell.angle_gamma   120.00
#
_symmetry.space_group_name_H-M   'P 32 2 1'
#
loop_
_entity.id
_entity.type
_entity.pdbx_description
1 polymer 'Translation initiation factor 2 subunit gamma'
2 polymer 'Translation initiation factor 2 subunit alpha'
3 polymer 'Translation initiation factor 2 subunit beta'
4 polymer 'Initiator tRNA'
5 non-polymer 'MAGNESIUM ION'
6 non-polymer 'PHOSPHOAMINOPHOSPHONIC ACID-GUANYLATE ESTER'
7 non-polymer METHIONINE
#
loop_
_entity_poly.entity_id
_entity_poly.type
_entity_poly.pdbx_seq_one_letter_code
_entity_poly.pdbx_strand_id
1 'polypeptide(L)'
;AWPKVQPEVNIGVVGHVDHGKTTLVQAITGIWTSKHSEELKRGMTIKLGYAETNIGVCESCKKPEAYVTEPSCKSCGSDD
EPKFLRRISFIDAPGHEVLMATMLSGAALMDGAILVVAANEPFPQPQTREHFVALGIIGVKNLIIVQNKVDVVSKEEALS
QYRQIKQFTKGTWAENVPIIPVSALHKINIDSLIEGIEEYIKTPYRDLSQKPVMLVIRSFDVNKPGTQFNELKGGVIGGS
IIQGLFKVDQEIKVLPGLRVEKQGKVSYEPIFTKISSIRFGDEEFKEAKPGGLVAIGTYLDPSLTKADNLLGSIITLADA
EVPVLWNIRIKYNLLERVVGAKEMLKVDPIRAKETLMLSVGSSTTLGIVTSVKKDEIEVELRRPVAVWSNNIRTVISRQI
AGRWRMIGWGLVEI
;
A
2 'polypeptide(L)'
;MIYSRSKLPSEGEILIATVKQVFDYGSYVSLDEYGGLQAFLPWSEVSSKWVKNIRDVLKENRKVIVKVIRVDRRKGTVDV
SLKKVTDDERRKKNLQWKKIQRLDKILELVSQKLKLSEKDAWEQVAWKLEAKYGDPITAIEKAVKEGEKILIDAGVPEIW
VKPLLEEASKHAEERKVKMSGLITVRTNEPLGVEKIKEVISKALENIEQDYESLLNIKIYTIGAPRYRVDVVGTNPKEAS
EALNQIISNLIKIGKEENVDISVVKK
;
B
3 'polypeptide(L)'
;SSEKEYVEMLDRLYSKLPEKGRKEGTQSLPNMIILNIGNTTIIRNFAEYCDRIRREDKICMKYLLKELAAPGNVDDKGEL
VIQGKFSSQVINTLMERFLKAYVECSTCKSLDTILKKEKKSWYIVCLACGAQTPVKPL
;
C
4 'polyribonucleotide'
;CGCGGGG(4SU)GGAGCAGCCUGG(H2U)AGCUCGUCGGG(OMC)UCAUAACCCGAAGAUCGUCGG(5MU)(PSU)CAAA
UCCGGCCCCCGCAACCA
;
D
#
# COMPACT_ATOMS: atom_id res chain seq x y z
N GLN A 6 18.17 16.02 -10.29
CA GLN A 6 18.27 14.58 -10.10
C GLN A 6 19.69 14.19 -9.71
N PRO A 7 19.85 13.18 -8.82
CA PRO A 7 21.15 12.73 -8.31
C PRO A 7 22.19 12.43 -9.41
N GLU A 8 23.46 12.74 -9.15
CA GLU A 8 24.49 12.63 -10.19
C GLU A 8 25.02 11.22 -10.34
N VAL A 9 25.14 10.52 -9.21
CA VAL A 9 26.02 9.36 -9.15
C VAL A 9 25.43 8.25 -8.24
N ASN A 10 25.91 7.02 -8.37
CA ASN A 10 25.43 5.92 -7.52
C ASN A 10 26.50 5.29 -6.65
N ILE A 11 26.46 5.61 -5.36
CA ILE A 11 27.42 5.09 -4.40
C ILE A 11 26.83 3.90 -3.62
N GLY A 12 27.54 2.78 -3.63
CA GLY A 12 27.07 1.59 -2.93
C GLY A 12 27.69 1.43 -1.55
N VAL A 13 26.95 0.86 -0.61
CA VAL A 13 27.45 0.68 0.74
C VAL A 13 27.52 -0.79 1.06
N VAL A 14 28.56 -1.45 0.57
CA VAL A 14 28.76 -2.88 0.81
C VAL A 14 29.19 -3.19 2.25
N GLY A 15 29.31 -4.47 2.61
CA GLY A 15 29.81 -4.87 3.92
C GLY A 15 29.06 -6.01 4.61
N HIS A 16 29.66 -6.56 5.67
CA HIS A 16 29.10 -7.68 6.42
C HIS A 16 27.76 -7.28 7.06
N VAL A 17 27.09 -8.24 7.67
CA VAL A 17 25.78 -7.99 8.26
C VAL A 17 25.85 -7.29 9.62
N ASP A 18 24.90 -6.38 9.83
CA ASP A 18 24.72 -5.60 11.06
C ASP A 18 25.88 -4.70 11.55
N HIS A 19 26.96 -4.65 10.77
CA HIS A 19 28.03 -3.65 10.92
C HIS A 19 27.46 -2.23 10.85
N GLY A 20 26.18 -2.16 10.50
CA GLY A 20 25.52 -0.92 10.31
C GLY A 20 25.97 -0.43 8.95
N LYS A 21 25.23 -0.77 7.92
CA LYS A 21 25.41 -0.10 6.64
C LYS A 21 24.30 0.93 6.53
N THR A 22 23.08 0.44 6.72
CA THR A 22 21.90 1.29 6.71
C THR A 22 21.97 2.48 7.70
N THR A 23 22.61 2.23 8.84
CA THR A 23 22.73 3.24 9.90
C THR A 23 23.64 4.39 9.45
N LEU A 24 24.78 4.06 8.87
CA LEU A 24 25.66 5.04 8.24
C LEU A 24 24.90 5.81 7.16
N VAL A 25 24.10 5.10 6.35
CA VAL A 25 23.28 5.83 5.39
C VAL A 25 22.35 6.84 6.10
N GLN A 26 21.81 6.45 7.25
CA GLN A 26 20.97 7.32 8.11
C GLN A 26 21.68 8.55 8.74
N ALA A 27 22.96 8.43 9.06
CA ALA A 27 23.70 9.57 9.59
C ALA A 27 24.05 10.52 8.47
N ILE A 28 24.27 9.99 7.27
CA ILE A 28 24.57 10.84 6.11
C ILE A 28 23.36 11.57 5.48
N THR A 29 22.28 10.83 5.20
CA THR A 29 21.10 11.41 4.55
C THR A 29 20.03 11.81 5.57
N GLY A 30 19.85 10.94 6.57
CA GLY A 30 18.79 11.06 7.56
C GLY A 30 17.83 9.92 7.34
N ILE A 31 17.73 9.56 6.07
CA ILE A 31 16.77 8.58 5.63
C ILE A 31 17.04 7.24 6.27
N TRP A 32 15.98 6.50 6.56
CA TRP A 32 16.13 5.09 6.87
C TRP A 32 15.69 4.31 5.63
N THR A 33 15.98 3.01 5.56
CA THR A 33 15.47 2.19 4.46
C THR A 33 14.15 1.60 4.83
N SER A 34 13.46 2.30 5.73
CA SER A 34 12.23 1.84 6.37
C SER A 34 12.52 0.71 7.35
N LYS A 35 13.23 -0.28 6.82
CA LYS A 35 13.14 -1.65 7.27
C LYS A 35 11.66 -2.00 7.30
N HIS A 36 11.21 -2.71 6.27
CA HIS A 36 9.80 -2.84 6.05
C HIS A 36 9.16 -4.26 6.06
N SER A 37 8.09 -4.47 5.30
CA SER A 37 7.49 -5.78 5.20
C SER A 37 7.26 -6.35 6.61
N GLU A 38 7.19 -5.45 7.61
CA GLU A 38 7.38 -5.75 9.05
C GLU A 38 8.51 -6.71 9.38
N GLU A 39 8.76 -7.61 8.45
CA GLU A 39 9.81 -8.57 8.63
C GLU A 39 11.12 -7.81 8.71
N LEU A 40 11.34 -6.85 7.82
CA LEU A 40 12.63 -6.18 7.83
C LEU A 40 12.77 -5.47 9.17
N LYS A 41 11.63 -5.05 9.73
CA LYS A 41 11.55 -4.34 11.01
C LYS A 41 11.98 -5.12 12.25
N ARG A 42 11.97 -6.44 12.16
CA ARG A 42 12.51 -7.26 13.22
C ARG A 42 13.84 -7.80 12.76
N GLY A 43 13.93 -8.05 11.45
CA GLY A 43 15.18 -8.45 10.84
C GLY A 43 16.01 -7.23 10.56
N MET A 44 16.13 -6.91 9.27
CA MET A 44 17.05 -5.89 8.81
C MET A 44 16.79 -5.54 7.32
N THR A 45 17.68 -4.77 6.70
CA THR A 45 17.43 -4.35 5.33
C THR A 45 17.29 -5.58 4.47
N ILE A 46 16.24 -5.60 3.65
CA ILE A 46 15.99 -6.76 2.83
C ILE A 46 15.90 -6.40 1.36
N LYS A 47 15.18 -5.34 1.04
CA LYS A 47 15.32 -4.81 -0.29
C LYS A 47 16.48 -3.84 -0.26
N LEU A 48 17.01 -3.50 -1.43
CA LEU A 48 18.01 -2.44 -1.48
C LEU A 48 17.33 -1.24 -0.91
N GLY A 49 17.98 -0.58 0.04
CA GLY A 49 17.38 0.63 0.59
C GLY A 49 17.59 1.75 -0.38
N TYR A 50 16.81 2.83 -0.28
CA TYR A 50 17.17 4.00 -1.07
C TYR A 50 17.04 5.36 -0.37
N ALA A 51 17.91 6.29 -0.77
CA ALA A 51 18.11 7.61 -0.15
C ALA A 51 18.97 8.54 -1.02
N GLU A 52 18.69 9.84 -0.98
CA GLU A 52 19.49 10.84 -1.69
C GLU A 52 20.02 11.93 -0.73
N THR A 53 20.93 12.79 -1.19
CA THR A 53 21.35 13.97 -0.41
C THR A 53 22.14 15.03 -1.19
N ASN A 54 22.10 16.26 -0.67
CA ASN A 54 22.77 17.40 -1.27
C ASN A 54 24.09 17.71 -0.58
N ILE A 55 25.16 17.76 -1.33
CA ILE A 55 26.44 18.09 -0.72
C ILE A 55 26.90 19.45 -1.19
N GLY A 56 26.96 20.38 -0.23
CA GLY A 56 27.54 21.68 -0.48
C GLY A 56 28.79 21.78 0.36
N VAL A 57 29.56 22.84 0.17
CA VAL A 57 30.77 23.00 0.95
C VAL A 57 30.88 24.39 1.56
N CYS A 58 31.40 24.44 2.79
CA CYS A 58 31.84 25.69 3.38
C CYS A 58 33.19 26.10 2.76
N GLU A 59 33.09 26.89 1.69
CA GLU A 59 34.21 27.64 1.17
C GLU A 59 34.77 28.48 2.30
N SER A 60 33.87 29.30 2.84
CA SER A 60 34.21 30.32 3.82
C SER A 60 34.61 29.78 5.19
N CYS A 61 35.16 28.56 5.22
CA CYS A 61 35.76 28.00 6.44
C CYS A 61 36.54 26.72 6.17
N LYS A 62 36.77 25.99 7.25
CA LYS A 62 37.74 24.92 7.31
C LYS A 62 37.14 23.50 7.14
N LYS A 63 37.92 22.60 6.54
CA LYS A 63 37.50 21.22 6.26
C LYS A 63 38.20 20.25 7.21
N PRO A 64 37.58 19.09 7.47
CA PRO A 64 36.43 18.42 6.83
C PRO A 64 35.04 18.96 7.15
N GLU A 65 34.84 19.49 8.36
CA GLU A 65 33.54 20.03 8.79
C GLU A 65 32.85 20.91 7.76
N ALA A 66 33.66 21.64 6.97
CA ALA A 66 33.15 22.46 5.88
C ALA A 66 32.25 21.68 4.95
N TYR A 67 32.34 20.36 5.02
CA TYR A 67 31.51 19.55 4.16
C TYR A 67 30.07 19.44 4.69
N VAL A 68 29.19 20.23 4.07
CA VAL A 68 27.85 20.46 4.60
C VAL A 68 26.83 19.48 4.02
N THR A 69 25.57 19.66 4.44
CA THR A 69 24.50 18.80 4.02
C THR A 69 23.26 19.60 3.62
N GLU A 70 23.04 20.75 4.26
CA GLU A 70 21.97 21.68 3.88
C GLU A 70 22.55 23.04 3.56
N PRO A 71 21.95 23.78 2.60
CA PRO A 71 22.47 25.11 2.29
C PRO A 71 22.66 26.00 3.54
N SER A 72 23.62 25.62 4.37
CA SER A 72 23.86 26.28 5.65
C SER A 72 25.27 26.09 6.19
N CYS A 73 26.03 27.18 6.17
CA CYS A 73 27.43 27.18 6.57
C CYS A 73 27.54 27.61 8.03
N LYS A 74 26.60 28.45 8.49
CA LYS A 74 26.60 28.99 9.86
C LYS A 74 26.65 27.90 10.94
N SER A 75 26.94 26.66 10.52
CA SER A 75 27.17 25.52 11.40
C SER A 75 28.63 25.47 11.84
N CYS A 76 29.54 25.97 10.99
CA CYS A 76 30.98 25.96 11.24
C CYS A 76 31.71 27.13 10.55
N GLY A 77 32.46 27.92 11.32
CA GLY A 77 33.02 29.15 10.78
C GLY A 77 31.89 30.17 10.71
N SER A 78 31.41 30.50 9.51
CA SER A 78 30.17 31.27 9.40
C SER A 78 29.40 31.22 8.08
N ASP A 79 28.57 32.23 7.90
CA ASP A 79 27.31 32.13 7.15
C ASP A 79 27.28 31.75 5.68
N ASP A 80 28.20 32.32 4.90
CA ASP A 80 28.11 32.33 3.42
C ASP A 80 27.62 31.00 2.86
N GLU A 81 26.32 30.99 2.52
CA GLU A 81 25.61 29.82 2.04
C GLU A 81 26.49 28.91 1.22
N PRO A 82 26.81 27.74 1.78
CA PRO A 82 27.80 26.79 1.27
C PRO A 82 27.49 26.58 -0.19
N LYS A 83 28.53 26.41 -1.00
CA LYS A 83 28.30 26.21 -2.42
C LYS A 83 27.98 24.75 -2.74
N PHE A 84 26.90 24.54 -3.48
CA PHE A 84 26.44 23.22 -3.89
C PHE A 84 27.37 22.54 -4.93
N LEU A 85 27.95 21.38 -4.58
CA LEU A 85 28.89 20.63 -5.44
C LEU A 85 28.24 19.58 -6.34
N ARG A 86 27.29 18.86 -5.75
CA ARG A 86 26.50 17.83 -6.43
C ARG A 86 25.43 17.26 -5.48
N ARG A 87 24.49 16.51 -6.05
CA ARG A 87 23.53 15.74 -5.27
C ARG A 87 23.74 14.27 -5.58
N ILE A 88 23.97 13.48 -4.54
CA ILE A 88 24.31 12.09 -4.73
C ILE A 88 23.19 11.19 -4.28
N SER A 89 23.34 9.91 -4.60
CA SER A 89 22.41 8.88 -4.17
C SER A 89 23.19 7.65 -3.68
N PHE A 90 22.60 6.90 -2.75
CA PHE A 90 23.19 5.68 -2.21
C PHE A 90 22.39 4.45 -2.64
N ILE A 91 22.95 3.26 -2.41
CA ILE A 91 22.17 2.03 -2.55
C ILE A 91 22.50 1.11 -1.37
N ASP A 92 21.63 1.09 -0.39
CA ASP A 92 21.89 0.25 0.75
C ASP A 92 21.58 -1.18 0.43
N ALA A 93 22.60 -2.02 0.45
CA ALA A 93 22.43 -3.44 0.21
C ALA A 93 22.04 -4.10 1.53
N PRO A 94 21.83 -5.41 1.51
CA PRO A 94 21.73 -5.93 2.87
C PRO A 94 23.11 -6.35 3.28
N GLY A 95 23.21 -7.06 4.40
CA GLY A 95 24.49 -7.59 4.82
C GLY A 95 24.53 -9.10 4.97
N HIS A 96 23.36 -9.73 5.02
CA HIS A 96 23.21 -11.16 5.32
C HIS A 96 23.80 -12.10 4.26
N GLU A 97 24.61 -13.06 4.72
CA GLU A 97 25.34 -13.98 3.83
C GLU A 97 24.55 -14.51 2.63
N VAL A 98 23.21 -14.49 2.74
CA VAL A 98 22.34 -15.04 1.71
C VAL A 98 21.74 -14.00 0.76
N LEU A 99 21.58 -12.75 1.21
CA LEU A 99 21.15 -11.71 0.26
C LEU A 99 22.23 -11.42 -0.78
N MET A 100 23.25 -12.28 -0.89
CA MET A 100 24.34 -12.08 -1.86
C MET A 100 23.80 -11.77 -3.26
N ALA A 101 22.91 -12.64 -3.75
CA ALA A 101 22.24 -12.45 -5.05
C ALA A 101 21.60 -11.09 -5.37
N THR A 102 21.15 -10.35 -4.35
CA THR A 102 20.65 -9.01 -4.62
C THR A 102 21.79 -8.02 -4.64
N MET A 103 22.70 -8.12 -3.67
CA MET A 103 23.74 -7.12 -3.59
C MET A 103 24.53 -7.10 -4.89
N LEU A 104 24.89 -8.30 -5.37
CA LEU A 104 25.47 -8.47 -6.71
C LEU A 104 24.69 -7.61 -7.67
N SER A 105 23.45 -8.03 -7.86
CA SER A 105 22.48 -7.34 -8.70
C SER A 105 22.71 -5.83 -8.55
N GLY A 106 22.61 -5.34 -7.32
CA GLY A 106 22.70 -3.91 -7.05
C GLY A 106 23.93 -3.21 -7.59
N ALA A 107 25.09 -3.83 -7.42
CA ALA A 107 26.35 -3.27 -7.89
C ALA A 107 26.27 -2.71 -9.30
N ALA A 108 25.37 -3.29 -10.11
CA ALA A 108 25.25 -3.00 -11.54
C ALA A 108 24.83 -1.57 -11.84
N LEU A 109 24.67 -0.78 -10.78
CA LEU A 109 24.04 0.51 -10.86
C LEU A 109 25.02 1.48 -10.21
N MET A 110 25.89 0.93 -9.37
CA MET A 110 26.88 1.70 -8.63
C MET A 110 27.80 2.45 -9.55
N ASP A 111 28.31 3.57 -9.06
CA ASP A 111 29.44 4.21 -9.71
C ASP A 111 30.64 4.21 -8.75
N GLY A 112 30.46 3.55 -7.60
CA GLY A 112 31.47 3.54 -6.55
C GLY A 112 30.87 3.06 -5.24
N ALA A 113 31.71 2.89 -4.22
CA ALA A 113 31.23 2.27 -2.99
C ALA A 113 31.94 2.71 -1.70
N ILE A 114 31.37 2.28 -0.56
CA ILE A 114 31.99 2.47 0.76
C ILE A 114 31.85 1.22 1.67
N LEU A 115 32.98 0.57 1.95
CA LEU A 115 33.02 -0.66 2.73
C LEU A 115 32.96 -0.40 4.24
N VAL A 116 31.80 -0.68 4.81
CA VAL A 116 31.58 -0.51 6.23
C VAL A 116 32.01 -1.75 6.97
N VAL A 117 33.18 -1.68 7.59
CA VAL A 117 33.65 -2.74 8.47
C VAL A 117 33.18 -2.35 9.87
N ALA A 118 32.97 -3.34 10.74
CA ALA A 118 32.65 -3.07 12.13
C ALA A 118 33.91 -3.09 12.98
N ALA A 119 34.06 -2.03 13.77
CA ALA A 119 35.24 -1.83 14.60
C ALA A 119 35.35 -2.84 15.76
N ASN A 120 34.22 -3.42 16.17
CA ASN A 120 34.20 -4.38 17.28
C ASN A 120 33.89 -5.86 16.92
N GLU A 121 34.38 -6.31 15.77
CA GLU A 121 34.24 -7.70 15.34
C GLU A 121 35.35 -8.12 14.34
N PRO A 122 35.74 -9.42 14.32
CA PRO A 122 36.97 -9.89 13.65
C PRO A 122 37.14 -9.53 12.16
N PHE A 123 37.81 -8.40 11.89
CA PHE A 123 38.08 -7.86 10.54
C PHE A 123 37.63 -8.68 9.32
N PRO A 124 38.44 -9.62 8.81
CA PRO A 124 37.83 -10.22 7.60
C PRO A 124 36.71 -11.17 7.97
N GLN A 125 35.51 -10.61 8.18
CA GLN A 125 34.29 -11.39 8.43
C GLN A 125 33.66 -11.78 7.08
N PRO A 126 33.22 -13.05 6.95
CA PRO A 126 32.74 -13.70 5.72
C PRO A 126 32.28 -12.76 4.60
N GLN A 127 31.20 -12.05 4.90
CA GLN A 127 30.56 -11.22 3.89
C GLN A 127 31.35 -10.00 3.56
N THR A 128 32.09 -9.47 4.53
CA THR A 128 32.91 -8.31 4.26
C THR A 128 33.78 -8.67 3.06
N ARG A 129 34.48 -9.81 3.15
CA ARG A 129 35.36 -10.25 2.07
C ARG A 129 34.60 -10.55 0.80
N GLU A 130 33.61 -11.44 0.90
CA GLU A 130 32.76 -11.77 -0.24
C GLU A 130 32.48 -10.53 -1.08
N HIS A 131 31.91 -9.51 -0.43
CA HIS A 131 31.66 -8.23 -1.06
C HIS A 131 32.96 -7.72 -1.69
N PHE A 132 33.96 -7.34 -0.86
CA PHE A 132 35.21 -6.73 -1.35
C PHE A 132 35.67 -7.33 -2.67
N VAL A 133 35.85 -8.64 -2.69
CA VAL A 133 36.29 -9.26 -3.93
C VAL A 133 35.25 -9.11 -5.06
N ALA A 134 33.95 -9.21 -4.75
CA ALA A 134 32.95 -8.90 -5.77
C ALA A 134 33.24 -7.54 -6.40
N LEU A 135 33.54 -6.55 -5.54
CA LEU A 135 33.86 -5.18 -5.98
C LEU A 135 35.05 -5.13 -6.92
N GLY A 136 36.15 -5.76 -6.53
CA GLY A 136 37.34 -5.71 -7.38
C GLY A 136 37.19 -6.49 -8.66
N ILE A 137 36.16 -7.34 -8.68
CA ILE A 137 35.84 -8.22 -9.80
C ILE A 137 34.97 -7.52 -10.85
N ILE A 138 33.90 -6.87 -10.42
CA ILE A 138 32.96 -6.29 -11.35
C ILE A 138 33.56 -5.06 -12.02
N GLY A 139 34.20 -4.22 -11.22
CA GLY A 139 34.93 -3.10 -11.75
C GLY A 139 34.88 -1.87 -10.88
N VAL A 140 34.09 -1.92 -9.82
CA VAL A 140 33.89 -0.76 -8.94
C VAL A 140 35.16 -0.40 -8.21
N LYS A 141 36.04 0.34 -8.88
CA LYS A 141 37.40 0.58 -8.39
C LYS A 141 37.52 1.82 -7.51
N ASN A 142 36.44 2.61 -7.41
CA ASN A 142 36.48 3.80 -6.59
C ASN A 142 35.91 3.57 -5.17
N LEU A 143 36.77 3.05 -4.29
CA LEU A 143 36.37 2.53 -2.98
C LEU A 143 36.84 3.32 -1.76
N ILE A 144 35.99 3.39 -0.74
CA ILE A 144 36.31 4.01 0.54
C ILE A 144 35.96 3.08 1.70
N ILE A 145 36.95 2.53 2.36
CA ILE A 145 36.65 1.71 3.53
C ILE A 145 36.30 2.56 4.75
N VAL A 146 35.37 2.09 5.56
CA VAL A 146 34.95 2.85 6.72
C VAL A 146 34.83 2.02 8.01
N GLN A 147 35.55 2.46 9.04
CA GLN A 147 35.60 1.80 10.35
C GLN A 147 34.48 2.31 11.26
N ASN A 148 33.38 1.56 11.34
CA ASN A 148 32.11 2.06 11.90
C ASN A 148 31.95 2.26 13.40
N LYS A 149 31.98 1.16 14.14
CA LYS A 149 31.48 1.18 15.52
C LYS A 149 32.53 1.55 16.58
N VAL A 150 33.38 2.50 16.21
CA VAL A 150 34.46 2.99 17.08
C VAL A 150 33.95 3.71 18.34
N ASP A 151 32.65 3.97 18.37
CA ASP A 151 32.02 4.54 19.57
C ASP A 151 31.81 3.50 20.66
N VAL A 152 32.20 2.26 20.37
CA VAL A 152 32.12 1.21 21.39
C VAL A 152 33.42 0.39 21.56
N VAL A 153 34.58 1.04 21.43
CA VAL A 153 35.87 0.32 21.46
C VAL A 153 36.97 1.06 22.23
N SER A 154 38.04 0.32 22.53
CA SER A 154 39.30 0.86 23.07
C SER A 154 40.15 1.52 22.01
N LYS A 155 40.60 2.74 22.32
CA LYS A 155 41.41 3.58 21.45
C LYS A 155 42.63 2.84 20.84
N GLU A 156 42.97 1.72 21.46
CA GLU A 156 43.91 0.82 20.87
C GLU A 156 43.21 -0.01 19.82
N GLU A 157 42.08 -0.62 20.17
CA GLU A 157 41.44 -1.57 19.26
C GLU A 157 41.22 -1.03 17.84
N ALA A 158 40.66 0.17 17.74
CA ALA A 158 40.36 0.74 16.42
C ALA A 158 41.58 1.06 15.57
N LEU A 159 42.76 1.16 16.19
CA LEU A 159 43.98 1.44 15.44
C LEU A 159 44.60 0.13 14.91
N SER A 160 44.67 -0.89 15.78
CA SER A 160 45.07 -2.24 15.40
C SER A 160 44.19 -2.81 14.30
N GLN A 161 42.88 -2.56 14.36
CA GLN A 161 42.05 -2.96 13.20
C GLN A 161 42.47 -2.19 11.96
N TYR A 162 42.72 -0.89 12.13
CA TYR A 162 43.22 -0.08 11.04
C TYR A 162 44.50 -0.67 10.49
N ARG A 163 45.23 -1.39 11.32
CA ARG A 163 46.43 -2.08 10.89
C ARG A 163 46.02 -3.24 9.96
N GLN A 164 45.26 -4.20 10.50
CA GLN A 164 44.85 -5.39 9.73
C GLN A 164 44.24 -4.98 8.38
N ILE A 165 43.52 -3.86 8.39
CA ILE A 165 42.95 -3.25 7.19
C ILE A 165 44.06 -2.73 6.28
N LYS A 166 44.96 -1.92 6.83
CA LYS A 166 46.06 -1.33 6.06
C LYS A 166 46.98 -2.41 5.47
N GLN A 167 46.79 -3.64 5.92
CA GLN A 167 47.63 -4.78 5.53
C GLN A 167 46.92 -5.67 4.52
N PHE A 168 45.60 -5.82 4.69
CA PHE A 168 44.74 -6.47 3.70
C PHE A 168 44.76 -5.64 2.42
N THR A 169 44.52 -4.33 2.60
CA THR A 169 44.52 -3.33 1.52
C THR A 169 45.90 -3.21 0.87
N LYS A 170 46.64 -4.30 0.84
CA LYS A 170 47.98 -4.19 0.35
C LYS A 170 48.11 -4.87 -1.00
N GLY A 171 48.36 -6.18 -0.98
CA GLY A 171 48.66 -6.91 -2.20
C GLY A 171 47.53 -6.72 -3.18
N THR A 172 46.34 -6.64 -2.60
CA THR A 172 45.12 -6.40 -3.32
C THR A 172 45.21 -5.07 -4.09
N TRP A 173 44.17 -4.74 -4.85
CA TRP A 173 44.23 -3.58 -5.77
C TRP A 173 44.14 -2.27 -5.01
N ALA A 174 44.03 -2.37 -3.68
CA ALA A 174 43.62 -1.24 -2.86
C ALA A 174 44.76 -0.42 -2.22
N GLU A 175 45.54 0.24 -3.08
CA GLU A 175 46.66 1.13 -2.71
C GLU A 175 46.40 2.05 -1.51
N ASN A 176 45.91 3.24 -1.83
CA ASN A 176 45.42 4.24 -0.88
C ASN A 176 43.88 4.35 -0.95
N VAL A 177 43.19 3.22 -0.73
CA VAL A 177 41.77 3.27 -0.39
C VAL A 177 41.74 3.68 1.08
N PRO A 178 41.48 4.96 1.34
CA PRO A 178 41.61 5.53 2.68
C PRO A 178 40.66 4.83 3.61
N ILE A 179 40.85 5.00 4.91
CA ILE A 179 39.97 4.37 5.86
C ILE A 179 39.54 5.35 6.94
N ILE A 180 38.28 5.77 6.84
CA ILE A 180 37.73 6.81 7.69
C ILE A 180 36.85 6.19 8.75
N PRO A 181 37.37 6.03 9.97
CA PRO A 181 36.60 5.55 11.13
C PRO A 181 35.47 6.52 11.50
N VAL A 182 34.26 6.01 11.76
CA VAL A 182 33.09 6.86 11.98
C VAL A 182 32.36 6.46 13.27
N SER A 183 31.22 7.09 13.56
CA SER A 183 30.30 6.55 14.55
C SER A 183 28.89 6.73 14.04
N ALA A 184 28.41 5.74 13.30
CA ALA A 184 27.15 5.85 12.58
C ALA A 184 26.01 6.06 13.54
N LEU A 185 26.26 5.76 14.81
CA LEU A 185 25.23 5.91 15.81
C LEU A 185 25.10 7.34 16.33
N HIS A 186 26.23 8.01 16.53
CA HIS A 186 26.16 9.38 17.00
C HIS A 186 26.62 10.35 15.93
N LYS A 187 26.66 9.82 14.70
CA LYS A 187 26.87 10.61 13.50
C LYS A 187 28.17 11.38 13.59
N ILE A 188 29.14 10.78 14.27
CA ILE A 188 30.38 11.50 14.48
C ILE A 188 31.34 11.24 13.32
N ASN A 189 32.10 12.27 12.98
CA ASN A 189 33.14 12.24 11.96
C ASN A 189 32.62 12.09 10.54
N ILE A 190 31.32 12.28 10.34
CA ILE A 190 30.75 11.99 9.04
C ILE A 190 31.24 12.97 8.00
N ASP A 191 31.55 14.18 8.43
CA ASP A 191 31.95 15.24 7.51
C ASP A 191 33.29 14.96 6.82
N SER A 192 34.19 14.27 7.51
CA SER A 192 35.43 13.81 6.86
C SER A 192 35.09 12.69 5.91
N LEU A 193 33.98 12.01 6.16
CA LEU A 193 33.54 10.99 5.21
C LEU A 193 33.03 11.70 3.97
N ILE A 194 32.27 12.77 4.16
CA ILE A 194 31.81 13.52 3.02
C ILE A 194 33.00 14.08 2.27
N GLU A 195 34.11 14.38 2.95
CA GLU A 195 35.29 14.87 2.23
C GLU A 195 36.03 13.76 1.46
N GLY A 196 36.05 12.57 2.03
CA GLY A 196 36.57 11.43 1.31
C GLY A 196 35.75 11.32 0.04
N ILE A 197 34.46 11.05 0.20
CA ILE A 197 33.52 10.83 -0.91
C ILE A 197 33.35 12.02 -1.83
N GLU A 198 33.88 13.16 -1.41
CA GLU A 198 33.94 14.32 -2.27
C GLU A 198 35.26 14.35 -3.00
N GLU A 199 36.25 13.59 -2.52
CA GLU A 199 37.49 13.49 -3.28
C GLU A 199 37.53 12.28 -4.23
N TYR A 200 37.38 11.10 -3.64
CA TYR A 200 37.71 9.84 -4.31
C TYR A 200 36.59 9.28 -5.18
N ILE A 201 35.35 9.48 -4.79
CA ILE A 201 34.24 8.96 -5.59
C ILE A 201 33.75 10.03 -6.55
N LYS A 202 34.60 10.34 -7.51
CA LYS A 202 34.32 11.37 -8.50
C LYS A 202 33.11 10.94 -9.37
N THR A 203 32.44 11.93 -9.96
CA THR A 203 31.21 11.74 -10.77
C THR A 203 31.52 11.52 -12.26
N PRO A 204 31.43 10.26 -12.73
CA PRO A 204 31.77 9.91 -14.12
C PRO A 204 30.96 10.62 -15.19
N TYR A 205 31.65 11.01 -16.25
CA TYR A 205 31.03 11.53 -17.45
C TYR A 205 30.24 10.39 -18.07
N ARG A 206 29.15 10.73 -18.74
CA ARG A 206 28.37 9.74 -19.49
C ARG A 206 27.91 10.36 -20.78
N ASP A 207 28.35 9.81 -21.90
CA ASP A 207 27.87 10.33 -23.17
C ASP A 207 26.36 10.06 -23.20
N LEU A 208 25.60 11.10 -23.46
CA LEU A 208 24.16 10.96 -23.51
C LEU A 208 23.78 10.33 -24.84
N SER A 209 24.45 10.76 -25.91
CA SER A 209 24.10 10.41 -27.30
C SER A 209 23.80 8.94 -27.46
N GLN A 210 24.43 8.17 -26.59
CA GLN A 210 24.29 6.74 -26.59
C GLN A 210 22.84 6.28 -26.46
N LYS A 211 22.66 5.03 -26.84
CA LYS A 211 21.43 4.28 -26.75
C LYS A 211 20.89 4.37 -25.32
N PRO A 212 19.66 4.87 -25.18
CA PRO A 212 18.96 4.89 -23.90
C PRO A 212 18.73 3.49 -23.31
N VAL A 213 19.47 3.19 -22.23
CA VAL A 213 19.51 1.88 -21.57
C VAL A 213 19.50 1.96 -20.05
N MET A 214 18.66 1.16 -19.40
CA MET A 214 18.55 1.21 -17.93
C MET A 214 18.14 -0.12 -17.23
N LEU A 215 18.61 -0.30 -15.99
CA LEU A 215 18.39 -1.52 -15.20
C LEU A 215 17.29 -1.35 -14.18
N VAL A 216 16.50 -2.41 -13.98
CA VAL A 216 15.38 -2.36 -13.02
C VAL A 216 15.62 -3.24 -11.78
N ILE A 217 15.34 -2.68 -10.61
CA ILE A 217 15.55 -3.40 -9.35
C ILE A 217 14.41 -3.20 -8.36
N ARG A 218 13.39 -2.44 -8.77
CA ARG A 218 12.13 -2.43 -8.04
C ARG A 218 11.04 -1.97 -8.99
N SER A 219 9.81 -1.96 -8.51
CA SER A 219 8.67 -1.60 -9.33
C SER A 219 7.50 -1.58 -8.41
N PHE A 220 6.78 -0.48 -8.29
CA PHE A 220 5.58 -0.67 -7.50
C PHE A 220 4.19 -0.22 -8.01
N ASP A 221 3.17 -0.89 -7.47
CA ASP A 221 1.77 -0.47 -7.52
C ASP A 221 1.55 0.60 -6.50
N VAL A 222 1.63 1.84 -6.98
CA VAL A 222 1.45 2.96 -6.12
C VAL A 222 0.11 2.83 -5.42
N ASN A 223 -0.90 2.46 -6.20
CA ASN A 223 -2.29 2.61 -5.80
C ASN A 223 -2.66 2.10 -4.41
N LYS A 224 -3.22 3.02 -3.65
CA LYS A 224 -3.58 2.78 -2.27
C LYS A 224 -4.67 1.70 -2.21
N PRO A 225 -4.74 0.96 -1.11
CA PRO A 225 -5.86 0.04 -0.99
C PRO A 225 -7.17 0.81 -1.08
N GLY A 226 -7.82 0.88 -2.23
CA GLY A 226 -9.12 1.53 -2.29
C GLY A 226 -9.34 2.67 -3.27
N THR A 227 -8.27 3.19 -3.88
CA THR A 227 -8.40 4.24 -4.89
C THR A 227 -9.34 3.78 -6.00
N GLN A 228 -10.25 4.65 -6.41
CA GLN A 228 -11.20 4.26 -7.43
C GLN A 228 -10.60 4.22 -8.80
N PHE A 229 -11.33 3.61 -9.72
CA PHE A 229 -10.78 3.32 -11.02
C PHE A 229 -10.56 4.59 -11.79
N ASN A 230 -11.35 5.61 -11.47
CA ASN A 230 -11.22 6.89 -12.16
C ASN A 230 -9.82 7.48 -12.02
N GLU A 231 -9.16 7.22 -10.89
CA GLU A 231 -7.79 7.67 -10.73
C GLU A 231 -6.83 6.54 -10.27
N LEU A 232 -6.88 5.41 -10.98
CA LEU A 232 -5.84 4.41 -10.83
C LEU A 232 -4.55 4.87 -11.46
N LYS A 233 -3.61 5.28 -10.64
CA LYS A 233 -2.32 5.74 -11.14
C LYS A 233 -1.52 4.58 -11.72
N GLY A 234 -0.83 4.85 -12.84
CA GLY A 234 -0.11 3.86 -13.60
C GLY A 234 0.89 2.94 -12.91
N GLY A 235 1.39 1.98 -13.68
CA GLY A 235 2.39 1.05 -13.22
C GLY A 235 3.71 1.79 -13.10
N VAL A 236 4.51 1.40 -12.13
CA VAL A 236 5.68 2.18 -11.80
C VAL A 236 6.94 1.37 -11.68
N ILE A 237 7.93 1.72 -12.51
CA ILE A 237 9.17 0.96 -12.60
C ILE A 237 10.41 1.65 -12.01
N GLY A 238 10.94 1.07 -10.94
CA GLY A 238 12.11 1.60 -10.25
C GLY A 238 13.41 0.94 -10.65
N GLY A 239 14.42 1.77 -10.90
CA GLY A 239 15.73 1.29 -11.35
C GLY A 239 16.73 2.41 -11.63
N SER A 240 17.86 2.09 -12.25
CA SER A 240 18.88 3.10 -12.55
C SER A 240 19.29 3.14 -14.00
N ILE A 241 19.45 4.35 -14.51
CA ILE A 241 19.97 4.53 -15.84
C ILE A 241 21.47 4.37 -15.77
N ILE A 242 22.08 3.97 -16.89
CA ILE A 242 23.53 3.84 -16.99
C ILE A 242 24.10 4.55 -18.23
N GLN A 243 23.40 4.43 -19.37
CA GLN A 243 23.81 5.09 -20.61
C GLN A 243 22.63 5.64 -21.43
N GLY A 244 22.75 6.88 -21.92
CA GLY A 244 21.64 7.54 -22.61
C GLY A 244 20.92 8.50 -21.67
N LEU A 245 19.64 8.77 -21.95
CA LEU A 245 18.78 9.61 -21.07
C LEU A 245 17.31 9.50 -21.49
N PHE A 246 16.40 9.31 -20.54
CA PHE A 246 14.97 9.20 -20.86
C PHE A 246 14.26 10.54 -20.69
N LYS A 247 13.16 10.76 -21.43
CA LYS A 247 12.38 12.01 -21.33
C LYS A 247 10.86 11.74 -21.23
N VAL A 248 10.13 12.64 -20.57
CA VAL A 248 8.70 12.44 -20.44
C VAL A 248 8.09 12.32 -21.84
N ASP A 249 7.34 11.24 -22.03
CA ASP A 249 6.50 10.98 -23.20
C ASP A 249 7.19 10.18 -24.31
N GLN A 250 8.31 9.55 -23.98
CA GLN A 250 8.97 8.69 -24.96
C GLN A 250 8.26 7.33 -25.07
N GLU A 251 8.45 6.63 -26.18
CA GLU A 251 7.93 5.26 -26.33
C GLU A 251 8.99 4.22 -25.91
N ILE A 252 8.61 3.30 -25.04
CA ILE A 252 9.63 2.44 -24.44
C ILE A 252 9.27 0.96 -24.37
N LYS A 253 10.30 0.13 -24.23
CA LYS A 253 10.10 -1.30 -24.00
C LYS A 253 10.91 -1.94 -22.86
N VAL A 254 10.35 -3.03 -22.35
CA VAL A 254 10.92 -3.80 -21.26
C VAL A 254 11.28 -5.22 -21.72
N LEU A 255 12.49 -5.64 -21.36
CA LEU A 255 13.05 -6.93 -21.75
C LEU A 255 13.51 -7.74 -20.55
N PRO A 256 13.36 -9.07 -20.61
CA PRO A 256 12.86 -9.83 -21.76
C PRO A 256 11.36 -9.62 -21.90
N GLY A 257 10.77 -9.20 -20.80
CA GLY A 257 9.35 -8.93 -20.76
C GLY A 257 8.62 -10.16 -20.29
N LEU A 258 7.31 -10.16 -20.43
CA LEU A 258 6.54 -11.23 -19.82
C LEU A 258 6.54 -12.47 -20.70
N ARG A 259 6.30 -13.61 -20.06
CA ARG A 259 6.57 -14.89 -20.66
C ARG A 259 5.28 -15.62 -20.97
N VAL A 260 5.42 -16.74 -21.67
CA VAL A 260 4.26 -17.48 -22.17
C VAL A 260 4.07 -18.83 -21.44
N VAL A 266 7.56 -22.16 -23.75
CA VAL A 266 7.73 -21.00 -22.87
C VAL A 266 8.64 -19.96 -23.53
N SER A 267 8.09 -18.79 -23.82
CA SER A 267 8.85 -17.73 -24.46
C SER A 267 8.77 -16.43 -23.67
N TYR A 268 9.42 -15.39 -24.18
CA TYR A 268 9.58 -14.14 -23.44
C TYR A 268 9.53 -12.89 -24.32
N GLU A 269 8.40 -12.20 -24.30
CA GLU A 269 8.19 -11.08 -25.19
C GLU A 269 8.25 -9.73 -24.47
N PRO A 270 8.66 -8.67 -25.21
CA PRO A 270 8.95 -7.33 -24.70
C PRO A 270 7.67 -6.58 -24.42
N ILE A 271 7.67 -5.74 -23.38
CA ILE A 271 6.47 -4.93 -23.09
C ILE A 271 6.65 -3.47 -23.46
N PHE A 272 5.69 -2.93 -24.21
CA PHE A 272 5.79 -1.56 -24.63
C PHE A 272 4.82 -0.71 -23.85
N THR A 273 5.16 0.56 -23.67
CA THR A 273 4.30 1.48 -22.93
C THR A 273 4.84 2.89 -23.20
N LYS A 274 4.18 3.92 -22.68
CA LYS A 274 4.74 5.26 -22.70
C LYS A 274 5.13 5.79 -21.33
N ILE A 275 6.32 6.40 -21.24
CA ILE A 275 6.79 6.94 -19.97
C ILE A 275 5.72 7.90 -19.52
N SER A 276 4.90 7.44 -18.60
CA SER A 276 3.87 8.31 -18.08
C SER A 276 4.53 9.44 -17.31
N SER A 277 5.56 9.12 -16.54
CA SER A 277 6.17 10.16 -15.69
C SER A 277 7.59 9.88 -15.23
N ILE A 278 8.29 10.92 -14.78
CA ILE A 278 9.64 10.75 -14.28
C ILE A 278 9.81 11.37 -12.88
N ARG A 279 10.29 10.56 -11.94
CA ARG A 279 10.58 11.03 -10.59
C ARG A 279 11.87 10.47 -9.98
N PHE A 280 12.63 11.37 -9.33
CA PHE A 280 13.78 11.06 -8.47
C PHE A 280 13.43 11.53 -7.08
N GLY A 281 13.82 10.76 -6.06
CA GLY A 281 13.40 11.04 -4.71
C GLY A 281 11.91 11.31 -4.72
N ASP A 282 11.48 12.40 -4.11
CA ASP A 282 10.06 12.69 -4.09
C ASP A 282 9.67 13.76 -5.11
N GLU A 283 10.68 14.34 -5.77
CA GLU A 283 10.47 15.42 -6.73
C GLU A 283 10.48 15.00 -8.20
N GLU A 284 9.52 15.54 -8.94
CA GLU A 284 9.27 15.13 -10.31
C GLU A 284 10.18 15.88 -11.25
N PHE A 285 10.67 15.19 -12.27
CA PHE A 285 11.44 15.86 -13.31
C PHE A 285 10.90 15.47 -14.65
N LYS A 286 11.28 16.26 -15.64
CA LYS A 286 10.83 16.04 -17.00
C LYS A 286 11.74 15.07 -17.77
N GLU A 287 12.98 14.91 -17.33
CA GLU A 287 13.96 14.00 -17.98
C GLU A 287 14.74 13.22 -16.91
N ALA A 288 15.63 12.33 -17.34
CA ALA A 288 16.43 11.53 -16.41
C ALA A 288 17.71 10.95 -17.03
N LYS A 289 18.80 11.08 -16.27
CA LYS A 289 20.15 10.81 -16.75
C LYS A 289 20.90 9.94 -15.72
N PRO A 290 22.01 9.28 -16.14
CA PRO A 290 22.68 8.30 -15.27
C PRO A 290 23.10 8.77 -13.89
N GLY A 291 23.41 7.80 -13.03
CA GLY A 291 23.68 8.06 -11.63
C GLY A 291 22.36 8.40 -10.96
N GLY A 292 22.00 7.65 -9.93
CA GLY A 292 20.71 7.79 -9.28
C GLY A 292 19.89 6.52 -9.47
N LEU A 293 18.72 6.49 -8.87
CA LEU A 293 17.73 5.52 -9.24
C LEU A 293 16.55 6.35 -9.69
N VAL A 294 15.79 5.91 -10.66
CA VAL A 294 14.64 6.68 -11.00
C VAL A 294 13.43 5.84 -10.73
N ALA A 295 12.31 6.43 -11.08
CA ALA A 295 11.11 5.68 -11.06
C ALA A 295 10.38 6.21 -12.25
N ILE A 296 9.78 5.28 -12.97
CA ILE A 296 9.10 5.63 -14.17
C ILE A 296 7.65 5.25 -14.13
N GLY A 297 6.85 6.31 -14.20
CA GLY A 297 5.42 6.18 -14.32
C GLY A 297 5.15 5.68 -15.71
N THR A 298 4.29 4.68 -15.76
CA THR A 298 3.95 4.06 -17.02
C THR A 298 2.44 4.05 -17.14
N TYR A 299 1.98 3.49 -18.26
CA TYR A 299 0.55 3.33 -18.55
C TYR A 299 0.20 1.86 -18.63
N LEU A 300 0.86 1.02 -17.86
CA LEU A 300 0.53 -0.39 -17.98
C LEU A 300 -0.10 -0.92 -16.70
N ASP A 301 -0.99 -1.89 -16.87
CA ASP A 301 -1.70 -2.52 -15.76
C ASP A 301 -0.80 -2.87 -14.59
N PRO A 302 -0.95 -2.12 -13.50
CA PRO A 302 -0.11 -2.22 -12.30
C PRO A 302 -0.02 -3.63 -11.75
N SER A 303 -0.98 -4.48 -12.13
CA SER A 303 -0.84 -5.88 -11.87
C SER A 303 0.54 -6.23 -12.37
N LEU A 304 0.85 -5.80 -13.59
CA LEU A 304 2.09 -6.20 -14.23
C LEU A 304 3.35 -5.83 -13.46
N THR A 305 3.26 -4.91 -12.51
CA THR A 305 4.47 -4.62 -11.74
C THR A 305 4.20 -4.40 -10.27
N LYS A 306 3.33 -5.22 -9.71
CA LYS A 306 3.07 -5.14 -8.29
C LYS A 306 4.36 -5.38 -7.48
N ALA A 307 4.44 -6.53 -6.83
CA ALA A 307 5.40 -6.83 -5.78
C ALA A 307 6.86 -6.46 -6.05
N ASP A 308 7.24 -6.55 -7.32
CA ASP A 308 8.56 -6.24 -7.88
C ASP A 308 8.78 -7.22 -9.03
N ASN A 309 7.73 -7.47 -9.81
CA ASN A 309 7.77 -8.47 -10.88
C ASN A 309 8.91 -8.33 -11.88
N LEU A 310 8.94 -7.22 -12.59
CA LEU A 310 9.94 -7.02 -13.63
C LEU A 310 11.33 -6.80 -13.07
N LEU A 311 11.55 -7.32 -11.87
CA LEU A 311 12.87 -7.36 -11.28
C LEU A 311 13.81 -7.98 -12.28
N GLY A 312 14.99 -7.38 -12.41
CA GLY A 312 16.00 -7.94 -13.28
C GLY A 312 15.70 -7.73 -14.74
N SER A 313 14.75 -6.84 -15.01
CA SER A 313 14.43 -6.45 -16.38
C SER A 313 15.10 -5.13 -16.70
N ILE A 314 15.17 -4.82 -17.99
CA ILE A 314 15.81 -3.60 -18.43
C ILE A 314 14.89 -2.85 -19.37
N ILE A 315 15.08 -1.54 -19.42
CA ILE A 315 14.23 -0.68 -20.23
C ILE A 315 15.09 0.02 -21.26
N THR A 316 14.61 -0.01 -22.51
CA THR A 316 15.31 0.70 -23.58
C THR A 316 14.35 1.38 -24.51
N LEU A 317 14.96 2.09 -25.45
CA LEU A 317 14.23 2.71 -26.53
C LEU A 317 13.36 1.71 -27.27
N ALA A 318 12.09 2.07 -27.47
CA ALA A 318 11.19 1.26 -28.28
C ALA A 318 11.73 1.32 -29.71
N ASP A 319 11.57 0.21 -30.43
CA ASP A 319 12.34 -0.03 -31.65
C ASP A 319 13.84 0.12 -31.38
N ALA A 320 14.36 -0.77 -30.56
CA ALA A 320 15.80 -0.84 -30.40
C ALA A 320 16.30 -2.29 -30.49
N GLU A 321 17.58 -2.42 -30.81
CA GLU A 321 18.18 -3.68 -31.20
C GLU A 321 18.93 -4.28 -30.02
N VAL A 322 18.24 -5.20 -29.34
CA VAL A 322 18.82 -5.92 -28.22
C VAL A 322 18.36 -7.37 -28.23
N PRO A 323 19.31 -8.30 -28.05
CA PRO A 323 19.16 -9.74 -28.06
C PRO A 323 18.50 -10.30 -26.83
N VAL A 324 17.52 -11.15 -27.02
CA VAL A 324 16.90 -11.81 -25.89
C VAL A 324 17.35 -13.25 -25.92
N LEU A 325 18.52 -13.49 -25.34
CA LEU A 325 19.14 -14.80 -25.45
C LEU A 325 18.52 -15.85 -24.54
N TRP A 326 18.65 -17.11 -24.94
CA TRP A 326 18.34 -18.26 -24.11
C TRP A 326 19.63 -18.98 -23.79
N ASN A 327 20.63 -18.80 -24.65
CA ASN A 327 21.92 -19.49 -24.53
C ASN A 327 23.09 -18.56 -24.80
N ILE A 328 24.08 -18.58 -23.93
CA ILE A 328 25.07 -17.53 -23.93
C ILE A 328 26.52 -17.99 -23.82
N ARG A 329 27.41 -17.25 -24.48
CA ARG A 329 28.82 -17.57 -24.51
C ARG A 329 29.62 -16.77 -23.47
N ILE A 330 29.93 -17.34 -22.32
CA ILE A 330 30.71 -16.59 -21.34
C ILE A 330 32.18 -16.89 -21.48
N LYS A 331 33.02 -15.85 -21.52
CA LYS A 331 34.44 -16.05 -21.27
C LYS A 331 34.60 -15.85 -19.76
N TYR A 332 35.62 -16.44 -19.14
CA TYR A 332 35.55 -16.56 -17.67
C TYR A 332 36.82 -16.90 -16.85
N ASN A 333 36.78 -16.54 -15.56
CA ASN A 333 37.86 -16.85 -14.61
C ASN A 333 37.37 -17.17 -13.21
N LEU A 334 38.19 -17.90 -12.44
CA LEU A 334 37.76 -18.30 -11.12
C LEU A 334 38.63 -17.68 -10.03
N LEU A 335 38.06 -17.57 -8.83
CA LEU A 335 38.82 -17.35 -7.61
C LEU A 335 39.47 -18.68 -7.26
N GLU A 336 40.54 -18.64 -6.47
CA GLU A 336 41.25 -19.84 -6.02
C GLU A 336 40.62 -20.34 -4.72
N ARG A 337 39.90 -19.44 -4.05
CA ARG A 337 39.20 -19.72 -2.80
C ARG A 337 37.75 -19.26 -2.85
N VAL A 338 36.95 -19.73 -1.89
CA VAL A 338 35.57 -19.27 -1.74
C VAL A 338 35.46 -18.29 -0.59
N VAL A 339 35.86 -17.07 -0.87
CA VAL A 339 35.78 -16.01 0.10
C VAL A 339 34.30 -15.65 0.31
N GLY A 340 33.67 -16.32 1.26
CA GLY A 340 32.25 -16.08 1.53
C GLY A 340 31.64 -17.14 2.43
N ALA A 341 32.30 -18.29 2.50
CA ALA A 341 32.02 -19.25 3.55
C ALA A 341 32.99 -18.96 4.67
N LYS A 342 32.58 -19.23 5.91
CA LYS A 342 33.43 -19.05 7.10
C LYS A 342 34.68 -19.85 6.81
N GLU A 343 34.46 -20.93 6.09
CA GLU A 343 35.50 -21.80 5.61
C GLU A 343 35.97 -21.33 4.22
N MET A 344 37.29 -21.29 4.05
CA MET A 344 37.87 -21.07 2.74
C MET A 344 38.28 -22.43 2.13
N LEU A 345 37.32 -23.09 1.47
CA LEU A 345 37.56 -24.31 0.70
C LEU A 345 37.89 -23.96 -0.76
N LYS A 346 38.87 -24.63 -1.37
CA LYS A 346 39.36 -24.25 -2.70
C LYS A 346 38.41 -24.61 -3.88
N VAL A 347 38.11 -23.60 -4.71
CA VAL A 347 37.13 -23.67 -5.81
C VAL A 347 37.35 -24.84 -6.77
N ASP A 348 36.39 -25.76 -6.84
CA ASP A 348 36.42 -26.83 -7.81
C ASP A 348 36.09 -26.27 -9.18
N PRO A 349 36.84 -26.71 -10.21
CA PRO A 349 36.62 -26.26 -11.58
C PRO A 349 35.25 -26.69 -12.04
N ILE A 350 34.71 -25.98 -13.03
CA ILE A 350 33.36 -26.23 -13.51
C ILE A 350 33.22 -27.59 -14.23
N ARG A 351 32.22 -28.36 -13.78
CA ARG A 351 31.82 -29.59 -14.45
C ARG A 351 30.61 -29.21 -15.27
N ALA A 352 30.46 -29.79 -16.45
CA ALA A 352 29.27 -29.52 -17.25
C ALA A 352 28.06 -30.25 -16.66
N LYS A 353 26.88 -29.93 -17.19
CA LYS A 353 25.59 -30.24 -16.57
C LYS A 353 25.56 -29.90 -15.08
N GLU A 354 26.02 -28.69 -14.76
CA GLU A 354 25.95 -28.19 -13.40
C GLU A 354 25.05 -26.95 -13.41
N THR A 355 24.24 -26.77 -12.37
CA THR A 355 23.41 -25.56 -12.24
C THR A 355 24.16 -24.43 -11.51
N LEU A 356 24.23 -23.27 -12.15
CA LEU A 356 24.95 -22.14 -11.58
C LEU A 356 24.10 -20.88 -11.69
N MET A 357 24.16 -20.02 -10.67
CA MET A 357 23.49 -18.72 -10.75
C MET A 357 24.33 -17.80 -11.60
N LEU A 358 23.75 -17.36 -12.69
CA LEU A 358 24.35 -16.36 -13.51
C LEU A 358 23.68 -15.02 -13.16
N SER A 359 24.46 -14.17 -12.51
CA SER A 359 24.08 -12.81 -12.20
C SER A 359 24.52 -11.90 -13.35
N VAL A 360 23.56 -11.50 -14.19
CA VAL A 360 23.86 -10.57 -15.27
C VAL A 360 23.07 -9.26 -15.11
N GLY A 361 23.80 -8.15 -15.12
CA GLY A 361 23.21 -6.85 -14.86
C GLY A 361 22.51 -6.87 -13.52
N SER A 362 21.34 -6.23 -13.48
CA SER A 362 20.54 -6.25 -12.27
C SER A 362 19.91 -7.63 -12.12
N SER A 363 19.63 -8.29 -13.24
CA SER A 363 18.93 -9.57 -13.18
C SER A 363 19.67 -10.65 -12.39
N THR A 364 18.90 -11.62 -11.90
CA THR A 364 19.47 -12.82 -11.30
C THR A 364 18.81 -14.06 -11.93
N THR A 365 19.56 -14.77 -12.78
CA THR A 365 19.00 -15.92 -13.49
C THR A 365 19.73 -17.21 -13.14
N LEU A 366 19.06 -18.34 -13.31
CA LEU A 366 19.70 -19.64 -13.11
C LEU A 366 19.93 -20.36 -14.45
N GLY A 367 21.04 -21.10 -14.57
CA GLY A 367 21.36 -21.80 -15.81
C GLY A 367 22.28 -23.01 -15.75
N ILE A 368 22.21 -23.86 -16.78
CA ILE A 368 22.96 -25.14 -16.83
C ILE A 368 24.10 -25.12 -17.89
N VAL A 369 25.24 -25.74 -17.54
CA VAL A 369 26.50 -25.72 -18.33
C VAL A 369 26.58 -26.77 -19.44
N THR A 370 26.60 -26.30 -20.68
CA THR A 370 26.59 -27.20 -21.83
C THR A 370 28.00 -27.43 -22.36
N SER A 371 28.86 -26.42 -22.16
CA SER A 371 30.23 -26.43 -22.66
C SER A 371 31.22 -26.03 -21.55
N VAL A 372 32.34 -26.77 -21.47
CA VAL A 372 33.41 -26.48 -20.50
C VAL A 372 34.79 -26.43 -21.16
N LYS A 373 35.19 -25.23 -21.59
CA LYS A 373 36.56 -24.96 -22.07
C LYS A 373 37.33 -24.09 -21.04
N LYS A 374 38.55 -23.68 -21.39
CA LYS A 374 39.50 -22.97 -20.51
C LYS A 374 38.96 -21.69 -19.87
N ASP A 375 38.37 -20.85 -20.71
CA ASP A 375 37.67 -19.68 -20.25
C ASP A 375 36.63 -19.32 -21.29
N GLU A 376 35.80 -20.29 -21.62
CA GLU A 376 34.67 -20.06 -22.48
C GLU A 376 33.71 -21.21 -22.35
N ILE A 377 32.65 -20.96 -21.60
CA ILE A 377 31.63 -21.95 -21.39
C ILE A 377 30.35 -21.45 -22.03
N GLU A 378 29.48 -22.38 -22.46
CA GLU A 378 28.20 -22.01 -23.06
C GLU A 378 27.03 -22.41 -22.15
N VAL A 379 26.20 -21.43 -21.79
CA VAL A 379 25.14 -21.66 -20.79
C VAL A 379 23.71 -21.58 -21.33
N GLU A 380 22.88 -22.51 -20.86
CA GLU A 380 21.46 -22.56 -21.21
C GLU A 380 20.60 -22.05 -20.05
N LEU A 381 19.76 -21.05 -20.31
CA LEU A 381 19.06 -20.31 -19.24
C LEU A 381 17.55 -20.58 -19.10
N ARG A 382 17.04 -20.51 -17.85
CA ARG A 382 15.61 -20.60 -17.58
C ARG A 382 14.85 -19.38 -18.10
N ARG A 383 15.32 -18.20 -17.70
CA ARG A 383 14.74 -16.92 -18.08
C ARG A 383 15.74 -16.11 -18.92
N PRO A 384 15.28 -15.59 -20.07
CA PRO A 384 16.17 -15.00 -21.08
C PRO A 384 16.94 -13.83 -20.54
N VAL A 385 18.08 -13.58 -21.15
CA VAL A 385 18.80 -12.38 -20.81
C VAL A 385 18.91 -11.52 -22.03
N ALA A 386 18.49 -10.28 -21.85
CA ALA A 386 18.61 -9.29 -22.88
C ALA A 386 20.00 -8.73 -22.75
N VAL A 387 20.78 -8.95 -23.79
CA VAL A 387 22.15 -8.54 -23.73
C VAL A 387 22.29 -7.24 -24.47
N TRP A 388 22.46 -6.15 -23.76
CA TRP A 388 22.43 -4.85 -24.43
C TRP A 388 23.70 -4.47 -25.14
N SER A 389 24.84 -5.01 -24.72
CA SER A 389 26.10 -4.56 -25.27
C SER A 389 26.94 -5.76 -25.62
N ASN A 390 28.16 -5.49 -26.05
CA ASN A 390 29.13 -6.54 -26.02
C ASN A 390 29.90 -6.50 -24.71
N ASN A 391 29.84 -5.39 -23.98
CA ASN A 391 30.64 -5.26 -22.76
C ASN A 391 30.04 -5.83 -21.47
N ILE A 392 29.06 -6.71 -21.62
CA ILE A 392 28.25 -7.20 -20.49
C ILE A 392 28.98 -7.99 -19.40
N ARG A 393 29.40 -7.30 -18.34
CA ARG A 393 29.97 -7.94 -17.16
C ARG A 393 28.96 -8.93 -16.54
N THR A 394 29.46 -10.03 -15.98
CA THR A 394 28.59 -10.99 -15.28
C THR A 394 29.30 -11.56 -14.05
N VAL A 395 28.51 -12.11 -13.12
CA VAL A 395 29.04 -12.72 -11.90
C VAL A 395 28.44 -14.12 -11.65
N ILE A 396 29.31 -15.11 -11.40
CA ILE A 396 28.97 -16.55 -11.41
C ILE A 396 29.07 -17.27 -10.05
N SER A 397 27.97 -17.92 -9.64
CA SER A 397 27.87 -18.53 -8.31
C SER A 397 27.40 -19.98 -8.31
N ARG A 398 27.67 -20.64 -7.19
CA ARG A 398 27.37 -22.07 -7.06
C ARG A 398 26.79 -22.35 -5.67
N GLN A 399 25.81 -23.26 -5.59
CA GLN A 399 25.22 -23.68 -4.31
C GLN A 399 26.19 -24.63 -3.61
N ILE A 400 27.09 -24.08 -2.80
CA ILE A 400 28.13 -24.86 -2.13
C ILE A 400 27.56 -25.76 -1.03
N ALA A 401 26.86 -25.18 -0.07
CA ALA A 401 26.36 -25.96 1.06
C ALA A 401 24.90 -25.66 1.40
N GLY A 402 24.08 -25.45 0.36
CA GLY A 402 22.68 -25.09 0.52
C GLY A 402 22.46 -23.63 0.17
N ARG A 403 23.35 -22.79 0.69
CA ARG A 403 23.40 -21.37 0.36
C ARG A 403 24.37 -21.15 -0.81
N TRP A 404 24.02 -20.23 -1.71
CA TRP A 404 24.82 -19.95 -2.88
C TRP A 404 26.04 -19.10 -2.54
N ARG A 405 27.04 -19.17 -3.40
CA ARG A 405 28.34 -18.56 -3.13
C ARG A 405 29.04 -18.08 -4.39
N MET A 406 29.61 -16.87 -4.30
CA MET A 406 30.30 -16.26 -5.42
C MET A 406 31.60 -16.99 -5.67
N ILE A 407 31.77 -17.46 -6.90
CA ILE A 407 32.95 -18.26 -7.15
C ILE A 407 33.88 -17.79 -8.29
N GLY A 408 33.34 -17.04 -9.25
CA GLY A 408 34.12 -16.59 -10.39
C GLY A 408 33.32 -15.70 -11.32
N TRP A 409 33.97 -15.19 -12.36
CA TRP A 409 33.33 -14.23 -13.27
C TRP A 409 33.69 -14.37 -14.75
N GLY A 410 33.48 -13.29 -15.50
CA GLY A 410 33.86 -13.24 -16.89
C GLY A 410 33.14 -12.16 -17.68
N LEU A 411 33.02 -12.37 -18.99
CA LEU A 411 32.32 -11.47 -19.89
C LEU A 411 31.40 -12.21 -20.83
N VAL A 412 30.15 -11.77 -20.87
CA VAL A 412 29.20 -12.22 -21.87
C VAL A 412 29.84 -12.05 -23.25
N GLU A 413 29.47 -12.89 -24.21
CA GLU A 413 30.06 -12.82 -25.53
C GLU A 413 29.03 -12.99 -26.64
N ILE A 414 28.89 -11.93 -27.43
CA ILE A 414 28.20 -11.96 -28.72
C ILE A 414 28.96 -11.11 -29.76
N MET B 1 -51.13 12.03 20.24
CA MET B 1 -52.57 11.93 20.41
C MET B 1 -53.16 10.84 19.55
N ILE B 2 -53.71 9.82 20.20
CA ILE B 2 -54.38 8.76 19.48
C ILE B 2 -55.80 8.67 20.01
N TYR B 3 -56.64 9.55 19.47
CA TYR B 3 -58.02 9.66 19.92
C TYR B 3 -58.74 8.33 19.71
N SER B 4 -59.67 8.03 20.60
CA SER B 4 -60.40 6.79 20.51
C SER B 4 -61.85 6.99 20.13
N ARG B 5 -62.41 5.99 19.47
CA ARG B 5 -63.81 6.02 19.10
C ARG B 5 -64.54 5.17 20.11
N SER B 6 -64.15 5.34 21.36
CA SER B 6 -64.85 4.73 22.47
C SER B 6 -64.45 5.46 23.73
N LYS B 7 -65.21 5.27 24.80
CA LYS B 7 -64.97 6.03 26.01
C LYS B 7 -64.07 5.24 26.91
N LEU B 8 -64.45 3.99 27.11
CA LEU B 8 -63.69 3.09 27.94
C LEU B 8 -63.22 1.92 27.09
N PRO B 9 -62.01 1.42 27.36
CA PRO B 9 -61.58 0.24 26.64
C PRO B 9 -62.40 -0.95 27.07
N SER B 10 -62.70 -1.84 26.14
CA SER B 10 -63.35 -3.10 26.45
C SER B 10 -62.52 -3.83 27.49
N GLU B 11 -63.14 -4.30 28.57
CA GLU B 11 -62.39 -4.94 29.65
C GLU B 11 -61.64 -6.18 29.17
N GLY B 12 -60.51 -6.48 29.79
CA GLY B 12 -59.69 -7.61 29.36
C GLY B 12 -58.90 -7.34 28.10
N GLU B 13 -58.97 -6.11 27.61
CA GLU B 13 -58.29 -5.73 26.38
C GLU B 13 -56.83 -5.44 26.64
N ILE B 14 -56.05 -5.51 25.58
CA ILE B 14 -54.62 -5.29 25.66
C ILE B 14 -54.26 -4.05 24.86
N LEU B 15 -53.47 -3.14 25.43
CA LEU B 15 -53.04 -1.94 24.70
C LEU B 15 -51.73 -1.27 25.19
N ILE B 16 -51.23 -0.29 24.43
CA ILE B 16 -50.02 0.46 24.78
C ILE B 16 -50.42 1.67 25.60
N ALA B 17 -49.88 1.78 26.79
CA ALA B 17 -50.13 2.95 27.64
C ALA B 17 -48.80 3.50 28.13
N THR B 18 -48.83 4.63 28.83
CA THR B 18 -47.59 5.20 29.33
C THR B 18 -47.65 5.56 30.81
N VAL B 19 -46.59 5.21 31.52
CA VAL B 19 -46.51 5.43 32.96
C VAL B 19 -46.49 6.91 33.18
N LYS B 20 -47.43 7.41 33.97
CA LYS B 20 -47.41 8.84 34.22
C LYS B 20 -46.78 9.19 35.54
N GLN B 21 -47.28 8.60 36.61
CA GLN B 21 -46.96 9.06 37.94
C GLN B 21 -46.76 7.88 38.85
N VAL B 22 -45.53 7.71 39.34
CA VAL B 22 -45.25 6.63 40.27
C VAL B 22 -45.65 7.07 41.66
N PHE B 23 -46.65 6.41 42.21
CA PHE B 23 -46.95 6.62 43.60
C PHE B 23 -46.59 5.36 44.35
N ASP B 24 -46.82 5.39 45.65
CA ASP B 24 -46.44 4.29 46.53
C ASP B 24 -47.11 2.96 46.21
N TYR B 25 -48.44 3.01 46.05
CA TYR B 25 -49.28 1.78 45.98
C TYR B 25 -49.82 1.52 44.60
N GLY B 26 -48.95 1.78 43.64
CA GLY B 26 -49.33 1.58 42.27
C GLY B 26 -48.86 2.82 41.56
N SER B 27 -49.59 3.18 40.52
CA SER B 27 -49.22 4.32 39.72
C SER B 27 -50.32 4.53 38.73
N TYR B 28 -50.35 5.75 38.21
CA TYR B 28 -51.31 6.12 37.21
C TYR B 28 -50.65 5.97 35.86
N VAL B 29 -51.37 5.37 34.94
CA VAL B 29 -50.87 5.17 33.59
C VAL B 29 -51.83 5.92 32.70
N SER B 30 -51.52 6.00 31.41
CA SER B 30 -52.39 6.65 30.46
C SER B 30 -52.45 5.85 29.16
N LEU B 31 -53.63 5.33 28.88
CA LEU B 31 -53.85 4.47 27.72
C LEU B 31 -53.76 5.27 26.44
N ASP B 32 -52.59 5.23 25.81
CA ASP B 32 -52.33 6.05 24.63
C ASP B 32 -53.32 5.84 23.48
N GLU B 33 -54.06 4.75 23.51
CA GLU B 33 -55.02 4.50 22.45
C GLU B 33 -56.40 5.04 22.79
N TYR B 34 -56.51 5.68 23.96
CA TYR B 34 -57.81 6.16 24.40
C TYR B 34 -57.72 7.63 24.88
N GLY B 35 -57.04 8.45 24.08
CA GLY B 35 -56.83 9.85 24.38
C GLY B 35 -56.02 10.03 25.65
N GLY B 36 -55.09 9.12 25.90
CA GLY B 36 -54.32 9.10 27.13
C GLY B 36 -55.19 8.86 28.36
N LEU B 37 -56.23 8.04 28.21
CA LEU B 37 -57.15 7.78 29.31
C LEU B 37 -56.48 7.24 30.57
N GLN B 38 -56.24 8.13 31.53
CA GLN B 38 -55.57 7.77 32.79
C GLN B 38 -56.29 6.64 33.47
N ALA B 39 -55.50 5.72 33.98
CA ALA B 39 -56.06 4.60 34.69
C ALA B 39 -55.13 4.23 35.80
N PHE B 40 -55.46 3.12 36.44
CA PHE B 40 -54.78 2.75 37.66
C PHE B 40 -54.16 1.37 37.60
N LEU B 41 -52.91 1.30 38.03
CA LEU B 41 -52.18 0.05 38.03
C LEU B 41 -51.48 -0.13 39.36
N PRO B 42 -51.87 -1.16 40.12
CA PRO B 42 -51.36 -1.60 41.43
C PRO B 42 -50.29 -2.71 41.42
N TRP B 43 -49.44 -2.79 42.45
CA TRP B 43 -48.30 -3.72 42.44
C TRP B 43 -48.72 -5.17 42.24
N SER B 44 -49.92 -5.53 42.70
CA SER B 44 -50.44 -6.89 42.57
C SER B 44 -50.51 -7.39 41.13
N GLU B 45 -49.89 -6.65 40.22
CA GLU B 45 -49.98 -6.88 38.79
C GLU B 45 -48.67 -6.59 38.09
N VAL B 46 -47.69 -6.16 38.89
CA VAL B 46 -46.31 -6.07 38.44
C VAL B 46 -45.58 -7.31 38.95
N SER B 47 -44.54 -7.74 38.22
CA SER B 47 -43.79 -8.96 38.55
C SER B 47 -44.68 -10.19 38.61
N ASN B 53 -35.17 -4.94 40.24
CA ASN B 53 -34.76 -4.22 39.01
C ASN B 53 -35.89 -3.26 38.50
N ILE B 54 -36.95 -3.10 39.32
CA ILE B 54 -38.28 -2.45 38.95
C ILE B 54 -38.31 -0.97 38.53
N ARG B 55 -37.14 -0.36 38.45
CA ARG B 55 -37.03 1.05 38.21
C ARG B 55 -37.05 1.41 36.71
N ASP B 56 -36.87 0.44 35.82
CA ASP B 56 -36.77 0.77 34.38
C ASP B 56 -38.09 0.52 33.62
N VAL B 57 -39.07 -0.13 34.25
CA VAL B 57 -40.40 -0.27 33.65
C VAL B 57 -41.44 0.51 34.50
N LEU B 58 -41.08 0.75 35.77
CA LEU B 58 -41.76 1.75 36.58
C LEU B 58 -41.08 3.09 36.41
N LYS B 59 -40.79 3.44 35.15
CA LYS B 59 -40.04 4.64 34.85
C LYS B 59 -41.03 5.76 34.66
N GLU B 60 -40.52 6.96 34.48
CA GLU B 60 -41.42 8.08 34.39
C GLU B 60 -42.25 8.05 33.12
N ASN B 61 -41.71 7.53 32.02
CA ASN B 61 -42.40 7.70 30.75
C ASN B 61 -42.28 6.57 29.75
N ARG B 62 -41.70 5.44 30.13
CA ARG B 62 -41.56 4.33 29.20
C ARG B 62 -42.92 3.77 28.90
N LYS B 63 -43.23 3.54 27.63
CA LYS B 63 -44.60 3.19 27.26
C LYS B 63 -44.88 1.69 27.29
N VAL B 64 -45.39 1.21 28.41
CA VAL B 64 -45.65 -0.21 28.63
C VAL B 64 -46.90 -0.73 27.89
N ILE B 65 -47.15 -2.04 27.97
CA ILE B 65 -48.31 -2.69 27.42
C ILE B 65 -48.98 -3.48 28.55
N VAL B 66 -50.30 -3.53 28.53
CA VAL B 66 -51.06 -4.13 29.61
C VAL B 66 -52.38 -4.68 29.13
N LYS B 67 -53.00 -5.45 30.02
CA LYS B 67 -54.32 -5.96 29.79
C LYS B 67 -55.21 -5.25 30.78
N VAL B 68 -56.42 -4.93 30.35
CA VAL B 68 -57.38 -4.25 31.22
C VAL B 68 -58.02 -5.22 32.20
N ILE B 69 -57.52 -5.23 33.44
CA ILE B 69 -58.19 -6.01 34.48
C ILE B 69 -59.61 -5.47 34.60
N ARG B 70 -59.77 -4.23 35.08
CA ARG B 70 -61.12 -3.70 35.40
C ARG B 70 -61.55 -2.40 34.71
N VAL B 71 -62.73 -2.43 34.13
CA VAL B 71 -63.36 -1.22 33.61
C VAL B 71 -64.65 -0.99 34.40
N ASP B 72 -64.66 0.04 35.25
CA ASP B 72 -65.90 0.44 35.90
C ASP B 72 -66.50 1.55 35.06
N ARG B 73 -67.49 1.17 34.27
CA ARG B 73 -68.11 2.09 33.33
C ARG B 73 -68.77 3.23 34.10
N ARG B 74 -69.07 2.98 35.36
CA ARG B 74 -69.73 3.95 36.23
C ARG B 74 -68.89 5.21 36.46
N LYS B 75 -68.09 5.21 37.52
CA LYS B 75 -67.22 6.35 37.84
C LYS B 75 -66.35 6.81 36.68
N GLY B 76 -66.04 5.89 35.76
CA GLY B 76 -65.22 6.21 34.62
C GLY B 76 -63.75 6.00 34.91
N THR B 77 -63.45 5.02 35.75
CA THR B 77 -62.07 4.70 36.07
C THR B 77 -61.73 3.33 35.52
N VAL B 78 -60.44 3.07 35.36
CA VAL B 78 -60.00 1.80 34.80
C VAL B 78 -58.77 1.32 35.56
N ASP B 79 -58.68 0.01 35.77
CA ASP B 79 -57.50 -0.64 36.29
C ASP B 79 -56.92 -1.60 35.25
N VAL B 80 -55.59 -1.63 35.16
CA VAL B 80 -54.88 -2.55 34.25
C VAL B 80 -53.78 -3.29 34.99
N SER B 81 -53.24 -4.34 34.35
CA SER B 81 -52.14 -5.14 34.87
C SER B 81 -51.14 -5.38 33.76
N LEU B 82 -49.87 -5.60 34.11
CA LEU B 82 -48.92 -6.06 33.10
C LEU B 82 -48.49 -7.50 33.30
N LYS B 83 -48.81 -8.07 34.46
CA LYS B 83 -48.67 -9.49 34.61
C LYS B 83 -49.53 -10.09 33.52
N LYS B 84 -50.83 -9.89 33.62
CA LYS B 84 -51.80 -10.61 32.79
C LYS B 84 -51.63 -10.50 31.27
N VAL B 85 -50.45 -10.07 30.84
CA VAL B 85 -50.18 -9.93 29.43
C VAL B 85 -49.43 -11.12 28.94
N THR B 86 -50.09 -11.97 28.15
CA THR B 86 -49.42 -13.12 27.55
C THR B 86 -48.28 -12.59 26.70
N ASP B 87 -47.26 -13.40 26.49
CA ASP B 87 -46.15 -12.90 25.72
C ASP B 87 -46.39 -13.23 24.27
N ASP B 88 -47.40 -14.06 24.01
CA ASP B 88 -47.91 -14.25 22.64
C ASP B 88 -48.77 -13.05 22.24
N GLU B 89 -49.35 -12.35 23.21
CA GLU B 89 -50.10 -11.13 22.89
C GLU B 89 -49.11 -9.96 22.78
N ARG B 90 -48.08 -10.03 23.62
CA ARG B 90 -47.08 -9.00 23.81
C ARG B 90 -46.21 -8.66 22.60
N ARG B 91 -46.26 -9.50 21.57
CA ARG B 91 -45.50 -9.25 20.36
C ARG B 91 -46.44 -8.72 19.29
N LYS B 92 -47.53 -9.45 19.10
CA LYS B 92 -48.49 -9.14 18.04
C LYS B 92 -48.95 -7.70 18.25
N LYS B 93 -49.51 -7.47 19.43
CA LYS B 93 -49.85 -6.12 19.83
C LYS B 93 -48.60 -5.25 20.09
N ASN B 94 -47.41 -5.73 19.72
CA ASN B 94 -46.17 -4.93 19.74
C ASN B 94 -45.75 -4.49 18.34
N LEU B 95 -46.31 -5.11 17.29
CA LEU B 95 -46.09 -4.65 15.92
C LEU B 95 -47.17 -3.65 15.54
N GLN B 96 -48.37 -4.05 15.96
CA GLN B 96 -49.51 -3.17 15.87
C GLN B 96 -49.14 -1.78 16.38
N TRP B 97 -48.22 -1.73 17.35
CA TRP B 97 -47.72 -0.45 17.85
C TRP B 97 -47.00 0.40 16.81
N LYS B 98 -45.93 -0.14 16.21
CA LYS B 98 -45.17 0.63 15.25
C LYS B 98 -46.05 1.11 14.10
N LYS B 99 -47.04 0.29 13.73
CA LYS B 99 -48.07 0.76 12.77
C LYS B 99 -48.91 2.00 13.24
N ILE B 100 -49.61 1.80 14.34
CA ILE B 100 -50.44 2.81 14.96
C ILE B 100 -49.69 4.10 15.34
N GLN B 101 -48.35 4.09 15.24
CA GLN B 101 -47.57 5.30 15.51
C GLN B 101 -46.96 5.92 14.25
N ARG B 102 -46.82 5.13 13.18
CA ARG B 102 -46.57 5.72 11.87
C ARG B 102 -47.74 6.65 11.66
N LEU B 103 -48.93 6.11 11.90
CA LEU B 103 -50.16 6.88 11.71
C LEU B 103 -50.19 8.18 12.51
N ASP B 104 -49.94 8.03 13.80
CA ASP B 104 -49.97 9.13 14.72
C ASP B 104 -49.18 10.26 14.18
N LYS B 105 -47.92 9.98 13.86
CA LYS B 105 -47.05 10.96 13.22
C LYS B 105 -47.75 11.60 12.03
N ILE B 106 -48.30 10.79 11.12
CA ILE B 106 -48.87 11.36 9.89
C ILE B 106 -49.87 12.44 10.19
N LEU B 107 -50.87 12.10 10.99
CA LEU B 107 -51.91 13.08 11.27
C LEU B 107 -51.37 14.21 12.16
N GLU B 108 -50.37 13.88 12.96
CA GLU B 108 -49.70 14.81 13.87
C GLU B 108 -48.92 15.85 13.10
N LEU B 109 -48.70 15.61 11.81
CA LEU B 109 -48.10 16.64 11.00
C LEU B 109 -49.02 17.20 9.92
N VAL B 110 -49.88 16.38 9.34
CA VAL B 110 -50.84 16.85 8.35
C VAL B 110 -51.82 17.86 8.93
N SER B 111 -52.38 17.52 10.09
CA SER B 111 -53.36 18.40 10.75
C SER B 111 -52.77 19.76 11.04
N GLN B 112 -51.67 19.73 11.76
CA GLN B 112 -50.80 20.86 11.96
C GLN B 112 -50.60 21.65 10.67
N LYS B 113 -50.12 20.98 9.63
CA LYS B 113 -49.91 21.57 8.31
C LYS B 113 -51.19 22.22 7.86
N LEU B 114 -52.27 21.45 7.97
CA LEU B 114 -53.57 21.88 7.52
C LEU B 114 -54.18 22.80 8.55
N LYS B 115 -53.48 22.92 9.68
CA LYS B 115 -53.85 23.86 10.72
C LYS B 115 -55.24 23.52 11.25
N LEU B 116 -55.49 22.26 11.57
CA LEU B 116 -56.81 21.88 12.06
C LEU B 116 -56.80 21.23 13.44
N SER B 117 -56.95 19.90 13.48
CA SER B 117 -56.98 19.17 14.74
C SER B 117 -56.61 17.71 14.52
N GLU B 118 -55.91 17.14 15.49
CA GLU B 118 -55.58 15.72 15.43
C GLU B 118 -56.81 14.96 15.81
N LYS B 119 -57.75 15.63 16.47
CA LYS B 119 -59.05 15.02 16.68
C LYS B 119 -59.84 14.98 15.39
N ASP B 120 -59.70 16.01 14.55
CA ASP B 120 -60.34 15.99 13.24
C ASP B 120 -59.45 15.26 12.23
N ALA B 121 -58.23 14.95 12.65
CA ALA B 121 -57.37 14.13 11.80
C ALA B 121 -57.64 12.65 12.06
N TRP B 122 -58.07 12.34 13.27
CA TRP B 122 -58.39 10.97 13.67
C TRP B 122 -59.86 10.63 13.41
N GLU B 123 -60.73 11.63 13.59
CA GLU B 123 -62.16 11.47 13.32
C GLU B 123 -62.32 11.18 11.84
N GLN B 124 -61.70 12.04 11.03
CA GLN B 124 -61.96 12.05 9.60
C GLN B 124 -61.14 11.04 8.85
N VAL B 125 -59.82 11.21 8.89
CA VAL B 125 -58.95 10.26 8.19
C VAL B 125 -59.07 8.83 8.74
N ALA B 126 -58.74 8.64 10.01
CA ALA B 126 -58.57 7.30 10.56
C ALA B 126 -59.87 6.53 10.90
N TRP B 127 -60.98 7.23 11.16
CA TRP B 127 -62.22 6.52 11.52
C TRP B 127 -63.00 5.97 10.31
N LYS B 128 -62.78 6.54 9.13
CA LYS B 128 -63.55 6.12 7.95
C LYS B 128 -62.75 5.17 7.11
N LEU B 129 -61.44 5.28 7.27
CA LEU B 129 -60.52 4.30 6.75
C LEU B 129 -60.50 3.09 7.72
N GLU B 130 -61.35 3.16 8.75
CA GLU B 130 -61.63 2.02 9.63
C GLU B 130 -62.61 1.11 8.93
N ALA B 131 -63.59 1.76 8.31
CA ALA B 131 -64.62 1.13 7.49
C ALA B 131 -63.99 0.19 6.46
N LYS B 132 -63.40 0.77 5.42
CA LYS B 132 -62.58 0.00 4.47
C LYS B 132 -61.65 -0.85 5.29
N TYR B 133 -62.19 -2.00 5.69
CA TYR B 133 -61.45 -3.08 6.31
C TYR B 133 -59.97 -2.79 6.36
N GLY B 134 -59.47 -2.23 7.47
CA GLY B 134 -58.03 -2.16 7.61
C GLY B 134 -57.37 -1.14 8.53
N ASP B 135 -56.20 -1.55 9.05
CA ASP B 135 -55.26 -0.63 9.69
C ASP B 135 -54.99 0.51 8.70
N PRO B 136 -55.58 1.70 8.94
CA PRO B 136 -55.61 2.85 8.02
C PRO B 136 -54.26 3.18 7.36
N ILE B 137 -53.17 2.93 8.10
CA ILE B 137 -51.80 3.16 7.61
C ILE B 137 -51.48 2.28 6.39
N THR B 138 -52.18 1.14 6.29
CA THR B 138 -52.12 0.28 5.10
C THR B 138 -53.08 0.66 3.95
N ALA B 139 -54.24 1.23 4.28
CA ALA B 139 -55.15 1.83 3.28
C ALA B 139 -54.52 3.09 2.69
N ILE B 140 -53.54 3.63 3.41
CA ILE B 140 -52.63 4.66 2.87
C ILE B 140 -51.36 4.06 2.20
N GLU B 141 -50.85 2.91 2.63
CA GLU B 141 -49.73 2.26 1.90
C GLU B 141 -50.11 1.77 0.49
N LYS B 142 -51.35 1.30 0.35
CA LYS B 142 -51.97 1.13 -0.97
C LYS B 142 -52.23 2.50 -1.63
N ALA B 143 -52.73 3.48 -0.86
CA ALA B 143 -52.99 4.81 -1.41
C ALA B 143 -51.76 5.45 -2.09
N VAL B 144 -50.75 5.80 -1.29
CA VAL B 144 -49.50 6.40 -1.79
C VAL B 144 -48.92 5.64 -3.00
N LYS B 145 -48.86 4.31 -2.93
CA LYS B 145 -48.52 3.53 -4.12
C LYS B 145 -49.58 3.68 -5.21
N GLU B 146 -50.76 3.08 -5.01
CA GLU B 146 -51.83 3.13 -6.01
C GLU B 146 -52.34 4.55 -6.25
N GLY B 147 -53.35 4.99 -5.49
CA GLY B 147 -53.90 6.33 -5.72
C GLY B 147 -54.70 6.93 -4.59
N GLU B 148 -55.13 8.18 -4.78
CA GLU B 148 -55.94 8.90 -3.78
C GLU B 148 -57.41 8.51 -3.88
N LYS B 149 -57.72 7.65 -4.83
CA LYS B 149 -59.07 7.14 -5.03
C LYS B 149 -59.37 6.00 -4.05
N ILE B 150 -58.32 5.48 -3.41
CA ILE B 150 -58.46 4.55 -2.28
C ILE B 150 -58.88 5.33 -1.04
N LEU B 151 -58.51 6.62 -0.99
CA LEU B 151 -58.85 7.55 0.09
C LEU B 151 -60.27 8.08 -0.06
N ILE B 152 -60.65 8.40 -1.29
CA ILE B 152 -61.94 9.02 -1.61
C ILE B 152 -63.13 8.03 -1.58
N ASP B 153 -62.89 6.79 -2.02
CA ASP B 153 -63.82 5.64 -1.89
C ASP B 153 -64.57 5.69 -0.55
N ALA B 154 -63.80 5.50 0.54
CA ALA B 154 -64.33 5.50 1.90
C ALA B 154 -64.93 6.85 2.32
N GLY B 155 -64.77 7.87 1.48
CA GLY B 155 -65.32 9.18 1.74
C GLY B 155 -64.52 9.99 2.74
N VAL B 156 -63.20 9.98 2.58
CA VAL B 156 -62.29 10.73 3.46
C VAL B 156 -62.13 12.17 3.00
N PRO B 157 -62.74 13.11 3.75
CA PRO B 157 -62.91 14.52 3.39
C PRO B 157 -61.71 15.08 2.65
N GLU B 158 -61.84 15.23 1.34
CA GLU B 158 -60.74 15.45 0.39
C GLU B 158 -59.80 16.62 0.68
N ILE B 159 -59.65 16.96 1.95
CA ILE B 159 -58.82 18.06 2.36
C ILE B 159 -57.46 17.53 2.85
N TRP B 160 -57.51 16.40 3.55
CA TRP B 160 -56.35 15.70 4.12
C TRP B 160 -55.65 14.89 3.06
N VAL B 161 -56.46 14.38 2.14
CA VAL B 161 -56.07 13.38 1.15
C VAL B 161 -54.64 13.55 0.65
N LYS B 162 -54.40 14.66 -0.05
CA LYS B 162 -53.07 14.94 -0.55
C LYS B 162 -52.09 15.25 0.58
N PRO B 163 -52.43 16.21 1.49
CA PRO B 163 -51.55 16.45 2.63
C PRO B 163 -51.17 15.17 3.35
N LEU B 164 -52.07 14.19 3.40
CA LEU B 164 -51.75 12.83 3.87
C LEU B 164 -50.65 12.16 3.04
N LEU B 165 -51.00 11.84 1.79
CA LEU B 165 -50.11 11.11 0.89
C LEU B 165 -48.69 11.64 0.85
N GLU B 166 -48.59 12.95 0.67
CA GLU B 166 -47.29 13.58 0.61
C GLU B 166 -46.65 13.66 1.98
N GLU B 167 -47.45 13.76 3.05
CA GLU B 167 -46.85 13.68 4.38
C GLU B 167 -46.72 12.24 4.83
N ALA B 168 -46.68 11.34 3.85
CA ALA B 168 -46.55 9.91 4.11
C ALA B 168 -45.24 9.29 3.60
N SER B 169 -44.97 9.46 2.32
CA SER B 169 -43.75 8.99 1.72
C SER B 169 -42.52 9.72 2.26
N ARG B 175 -31.79 3.54 4.93
CA ARG B 175 -32.26 3.02 3.64
C ARG B 175 -31.16 2.39 2.76
N LYS B 176 -30.14 1.79 3.37
CA LYS B 176 -29.01 1.25 2.61
C LYS B 176 -28.76 -0.23 2.77
N VAL B 177 -28.18 -0.81 1.72
CA VAL B 177 -27.83 -2.22 1.69
C VAL B 177 -26.55 -2.29 0.84
N LYS B 178 -25.58 -3.14 1.20
CA LYS B 178 -24.30 -3.17 0.47
C LYS B 178 -24.01 -4.54 -0.14
N MET B 179 -23.61 -4.58 -1.42
CA MET B 179 -23.26 -5.84 -2.11
C MET B 179 -21.99 -5.70 -2.96
N SER B 180 -21.10 -6.69 -2.87
CA SER B 180 -19.75 -6.56 -3.44
C SER B 180 -19.13 -7.83 -4.08
N GLY B 181 -18.11 -7.65 -4.93
CA GLY B 181 -17.48 -8.80 -5.61
C GLY B 181 -16.02 -8.72 -6.03
N LEU B 182 -15.32 -9.83 -5.83
CA LEU B 182 -13.91 -9.93 -6.19
C LEU B 182 -13.77 -10.32 -7.64
N ILE B 183 -13.19 -9.42 -8.43
CA ILE B 183 -12.96 -9.70 -9.82
C ILE B 183 -11.45 -9.82 -10.06
N THR B 184 -11.06 -10.04 -11.32
CA THR B 184 -9.66 -10.08 -11.66
C THR B 184 -9.49 -9.46 -13.00
N VAL B 185 -8.66 -8.44 -13.06
CA VAL B 185 -8.45 -7.77 -14.32
C VAL B 185 -7.00 -7.71 -14.70
N ARG B 186 -6.59 -8.65 -15.56
CA ARG B 186 -5.25 -8.67 -16.10
C ARG B 186 -5.23 -7.95 -17.43
N THR B 187 -4.06 -7.47 -17.83
CA THR B 187 -3.87 -6.84 -19.13
C THR B 187 -2.39 -6.70 -19.42
N ASN B 188 -2.05 -6.51 -20.68
CA ASN B 188 -0.65 -6.36 -21.11
C ASN B 188 -0.54 -5.25 -22.13
N GLU B 189 -1.67 -4.61 -22.44
CA GLU B 189 -1.70 -3.55 -23.45
C GLU B 189 -0.68 -2.47 -23.08
N PRO B 190 0.05 -1.96 -24.09
CA PRO B 190 0.95 -0.80 -23.91
C PRO B 190 0.37 0.34 -23.09
N LEU B 191 -0.93 0.59 -23.20
CA LEU B 191 -1.55 1.60 -22.37
C LEU B 191 -2.67 0.97 -21.55
N GLY B 192 -2.30 0.00 -20.72
CA GLY B 192 -3.23 -0.86 -20.01
C GLY B 192 -4.13 -0.17 -19.00
N VAL B 193 -3.51 0.44 -17.98
CA VAL B 193 -4.23 1.25 -16.99
C VAL B 193 -5.41 1.97 -17.62
N GLU B 194 -5.09 2.64 -18.73
CA GLU B 194 -6.04 3.40 -19.48
C GLU B 194 -7.20 2.51 -19.86
N LYS B 195 -6.93 1.46 -20.63
CA LYS B 195 -7.99 0.55 -21.01
C LYS B 195 -8.77 0.05 -19.79
N ILE B 196 -8.11 -0.16 -18.64
CA ILE B 196 -8.84 -0.50 -17.42
C ILE B 196 -9.88 0.57 -17.15
N LYS B 197 -9.42 1.80 -16.92
CA LYS B 197 -10.31 2.93 -16.75
C LYS B 197 -11.46 2.90 -17.78
N GLU B 198 -11.14 2.57 -19.04
CA GLU B 198 -12.14 2.49 -20.10
C GLU B 198 -13.18 1.41 -19.86
N VAL B 199 -12.78 0.15 -19.99
CA VAL B 199 -13.73 -0.95 -19.83
C VAL B 199 -14.54 -0.78 -18.54
N ILE B 200 -13.93 -0.29 -17.47
CA ILE B 200 -14.72 -0.08 -16.27
C ILE B 200 -15.73 1.06 -16.46
N SER B 201 -15.31 2.14 -17.09
CA SER B 201 -16.23 3.22 -17.41
C SER B 201 -17.04 3.01 -18.70
N LYS B 202 -17.19 1.78 -19.16
CA LYS B 202 -18.08 1.53 -20.29
C LYS B 202 -18.99 0.40 -19.88
N ALA B 203 -18.50 -0.38 -18.92
CA ALA B 203 -19.23 -1.47 -18.33
C ALA B 203 -19.95 -0.94 -17.11
N LEU B 204 -19.47 0.18 -16.58
CA LEU B 204 -20.26 0.90 -15.59
C LEU B 204 -20.91 2.04 -16.32
N GLU B 205 -21.76 1.74 -17.28
CA GLU B 205 -22.44 2.80 -18.00
C GLU B 205 -23.96 2.63 -18.09
N ASN B 206 -24.67 3.75 -17.97
CA ASN B 206 -26.13 3.82 -18.08
C ASN B 206 -26.84 2.92 -17.08
N ILE B 207 -26.04 2.41 -16.16
CA ILE B 207 -26.47 1.46 -15.16
C ILE B 207 -27.39 2.15 -14.14
N GLU B 208 -27.19 3.44 -13.93
CA GLU B 208 -28.02 4.20 -12.97
C GLU B 208 -29.49 4.15 -13.35
N GLN B 209 -29.75 3.85 -14.62
CA GLN B 209 -31.11 3.75 -15.13
C GLN B 209 -31.52 2.32 -15.51
N ASP B 210 -30.55 1.45 -15.80
CA ASP B 210 -30.83 0.04 -16.14
C ASP B 210 -31.46 -0.68 -14.94
N TYR B 211 -30.62 -1.29 -14.12
CA TYR B 211 -31.07 -1.72 -12.81
C TYR B 211 -31.11 -0.47 -11.99
N GLU B 212 -32.28 0.15 -12.01
CA GLU B 212 -32.41 1.55 -11.66
C GLU B 212 -32.16 1.81 -10.20
N SER B 213 -32.79 2.91 -9.79
CA SER B 213 -32.29 3.78 -8.74
C SER B 213 -31.74 3.07 -7.51
N LEU B 214 -30.46 3.25 -7.33
CA LEU B 214 -29.74 2.68 -6.22
C LEU B 214 -29.04 3.92 -5.65
N LEU B 215 -27.97 3.73 -4.90
CA LEU B 215 -27.41 4.85 -4.14
C LEU B 215 -25.99 5.27 -4.56
N ASN B 216 -25.11 4.27 -4.74
CA ASN B 216 -23.72 4.50 -5.12
C ASN B 216 -22.97 3.21 -5.48
N ILE B 217 -22.13 3.28 -6.51
CA ILE B 217 -21.33 2.14 -6.93
C ILE B 217 -19.83 2.48 -6.96
N LYS B 218 -19.02 1.62 -6.32
CA LYS B 218 -17.57 1.82 -6.18
C LYS B 218 -16.68 0.62 -6.60
N ILE B 219 -15.78 0.85 -7.53
CA ILE B 219 -14.87 -0.18 -8.00
C ILE B 219 -13.46 0.16 -7.54
N TYR B 220 -12.79 -0.77 -6.86
CA TYR B 220 -11.42 -0.53 -6.43
C TYR B 220 -10.45 -1.76 -6.40
N THR B 221 -9.16 -1.48 -6.39
CA THR B 221 -8.18 -2.53 -6.26
C THR B 221 -7.87 -2.81 -4.79
N ILE B 222 -8.10 -4.06 -4.38
CA ILE B 222 -7.66 -4.52 -3.07
C ILE B 222 -6.55 -5.61 -3.16
N GLY B 223 -6.37 -6.22 -4.35
CA GLY B 223 -5.16 -6.98 -4.72
C GLY B 223 -4.55 -6.23 -5.89
N ALA B 224 -3.65 -6.83 -6.67
CA ALA B 224 -3.24 -6.11 -7.88
C ALA B 224 -4.01 -6.58 -9.11
N PRO B 225 -4.47 -7.83 -9.11
CA PRO B 225 -5.41 -8.02 -10.22
C PRO B 225 -6.79 -8.20 -9.68
N ARG B 226 -6.85 -8.56 -8.41
CA ARG B 226 -8.11 -8.79 -7.77
C ARG B 226 -8.67 -7.43 -7.48
N TYR B 227 -9.91 -7.17 -7.90
CA TYR B 227 -10.60 -5.92 -7.52
C TYR B 227 -11.90 -6.20 -6.74
N ARG B 228 -12.52 -5.13 -6.23
CA ARG B 228 -13.86 -5.16 -5.64
C ARG B 228 -14.86 -4.15 -6.25
N VAL B 229 -15.98 -4.68 -6.74
CA VAL B 229 -17.08 -3.81 -7.12
C VAL B 229 -18.04 -3.72 -5.93
N ASP B 230 -18.72 -2.58 -5.79
CA ASP B 230 -19.52 -2.26 -4.59
C ASP B 230 -20.80 -1.49 -4.89
N VAL B 231 -21.90 -2.21 -5.10
CA VAL B 231 -23.19 -1.59 -5.30
C VAL B 231 -23.88 -1.46 -3.97
N VAL B 232 -24.21 -0.22 -3.59
CA VAL B 232 -25.01 0.01 -2.39
C VAL B 232 -26.36 0.65 -2.79
N GLY B 233 -27.44 0.24 -2.16
CA GLY B 233 -28.76 0.59 -2.66
C GLY B 233 -29.87 0.63 -1.64
N THR B 234 -31.09 0.77 -2.15
CA THR B 234 -32.25 0.97 -1.30
C THR B 234 -33.06 -0.31 -1.16
N ASN B 235 -33.11 -1.10 -2.22
CA ASN B 235 -33.95 -2.30 -2.23
C ASN B 235 -33.00 -3.50 -2.32
N PRO B 236 -32.86 -4.28 -1.24
CA PRO B 236 -31.90 -5.39 -1.20
C PRO B 236 -31.87 -6.22 -2.46
N LYS B 237 -33.02 -6.70 -2.89
CA LYS B 237 -33.09 -7.49 -4.10
C LYS B 237 -32.97 -6.65 -5.37
N GLU B 238 -32.26 -5.52 -5.30
CA GLU B 238 -31.85 -4.77 -6.48
C GLU B 238 -30.33 -4.92 -6.59
N ALA B 239 -29.80 -5.70 -5.65
CA ALA B 239 -28.39 -5.84 -5.39
C ALA B 239 -27.64 -6.33 -6.59
N SER B 240 -27.30 -7.62 -6.56
CA SER B 240 -26.59 -8.25 -7.64
C SER B 240 -27.27 -7.97 -8.99
N GLU B 241 -28.57 -7.65 -8.98
CA GLU B 241 -29.27 -7.26 -10.20
C GLU B 241 -28.40 -6.25 -10.92
N ALA B 242 -28.18 -5.13 -10.26
CA ALA B 242 -27.23 -4.14 -10.73
C ALA B 242 -25.86 -4.79 -10.89
N LEU B 243 -25.39 -5.37 -9.78
CA LEU B 243 -24.00 -5.79 -9.61
C LEU B 243 -23.58 -6.75 -10.71
N ASN B 244 -24.23 -7.91 -10.75
CA ASN B 244 -23.98 -8.90 -11.78
C ASN B 244 -23.93 -8.31 -13.18
N GLN B 245 -24.98 -7.57 -13.56
CA GLN B 245 -24.99 -6.88 -14.84
C GLN B 245 -23.66 -6.17 -15.07
N ILE B 246 -23.30 -5.27 -14.16
CA ILE B 246 -21.97 -4.63 -14.19
C ILE B 246 -20.84 -5.64 -14.44
N ILE B 247 -20.71 -6.61 -13.53
CA ILE B 247 -19.68 -7.64 -13.61
C ILE B 247 -19.71 -8.38 -14.95
N SER B 248 -20.91 -8.59 -15.48
CA SER B 248 -21.04 -9.14 -16.82
C SER B 248 -20.31 -8.22 -17.78
N ASN B 249 -20.78 -6.99 -17.89
CA ASN B 249 -20.29 -6.07 -18.90
C ASN B 249 -18.81 -5.73 -18.74
N LEU B 250 -18.29 -5.96 -17.54
CA LEU B 250 -16.85 -5.99 -17.35
C LEU B 250 -16.30 -6.95 -18.36
N ILE B 251 -16.46 -8.23 -18.03
CA ILE B 251 -16.07 -9.36 -18.87
C ILE B 251 -16.21 -8.99 -20.34
N LYS B 252 -17.44 -9.03 -20.84
CA LYS B 252 -17.75 -8.66 -22.22
C LYS B 252 -16.90 -7.53 -22.80
N ILE B 253 -16.94 -6.34 -22.18
CA ILE B 253 -16.26 -5.22 -22.79
C ILE B 253 -14.78 -5.39 -22.55
N GLY B 254 -14.44 -5.83 -21.35
CA GLY B 254 -13.10 -6.29 -21.10
C GLY B 254 -12.73 -7.27 -22.20
N LYS B 255 -13.64 -8.20 -22.48
CA LYS B 255 -13.41 -9.26 -23.50
C LYS B 255 -13.66 -8.74 -24.93
N GLU B 256 -14.16 -7.51 -25.04
CA GLU B 256 -14.35 -6.83 -26.33
C GLU B 256 -13.46 -5.60 -26.45
N GLU B 257 -12.45 -5.51 -25.58
CA GLU B 257 -11.46 -4.45 -25.64
C GLU B 257 -10.10 -4.88 -25.06
N ASN B 258 -9.66 -6.09 -25.44
CA ASN B 258 -8.38 -6.70 -25.04
C ASN B 258 -7.91 -6.45 -23.60
N VAL B 259 -8.80 -6.74 -22.64
CA VAL B 259 -8.53 -6.62 -21.22
C VAL B 259 -9.20 -7.74 -20.46
N ASP B 260 -8.41 -8.67 -19.92
CA ASP B 260 -9.00 -9.90 -19.39
C ASP B 260 -9.58 -9.66 -18.01
N ILE B 261 -10.78 -10.17 -17.80
CA ILE B 261 -11.52 -9.94 -16.58
C ILE B 261 -12.24 -11.22 -16.22
N SER B 262 -12.35 -11.48 -14.93
CA SER B 262 -12.88 -12.75 -14.48
C SER B 262 -13.22 -12.77 -12.99
N VAL B 263 -14.47 -13.09 -12.69
CA VAL B 263 -14.95 -13.16 -11.33
C VAL B 263 -14.21 -14.22 -10.54
N VAL B 264 -13.93 -13.92 -9.28
CA VAL B 264 -13.31 -14.89 -8.39
C VAL B 264 -14.25 -16.04 -8.09
N SER C 2 50.66 5.29 4.20
CA SER C 2 50.17 6.54 4.74
C SER C 2 49.30 6.35 5.98
N GLU C 3 49.84 6.57 7.17
CA GLU C 3 49.03 6.45 8.35
C GLU C 3 48.63 7.79 8.93
N LYS C 4 49.56 8.76 8.88
CA LYS C 4 49.39 10.10 9.44
C LYS C 4 48.00 10.73 9.24
N GLU C 5 47.56 10.89 7.99
CA GLU C 5 46.19 11.30 7.67
C GLU C 5 45.14 10.58 8.55
N TYR C 6 45.23 9.26 8.57
CA TYR C 6 44.27 8.45 9.31
C TYR C 6 44.38 8.66 10.80
N VAL C 7 45.56 8.33 11.34
CA VAL C 7 45.86 8.41 12.77
C VAL C 7 45.29 9.72 13.32
N GLU C 8 45.59 10.79 12.60
CA GLU C 8 44.84 12.01 12.68
C GLU C 8 43.32 11.71 12.78
N MET C 9 42.68 11.18 11.73
CA MET C 9 41.20 10.95 11.77
C MET C 9 40.69 10.27 13.07
N LEU C 10 41.42 9.24 13.49
CA LEU C 10 41.14 8.49 14.70
C LEU C 10 41.18 9.38 15.94
N ASP C 11 42.24 10.17 16.04
CA ASP C 11 42.34 11.26 17.01
C ASP C 11 41.03 12.06 17.02
N ARG C 12 40.74 12.71 15.90
CA ARG C 12 39.63 13.67 15.86
C ARG C 12 38.26 13.11 16.23
N LEU C 13 37.97 11.88 15.83
CA LEU C 13 36.74 11.25 16.32
C LEU C 13 36.81 10.99 17.82
N TYR C 14 37.90 10.39 18.30
CA TYR C 14 37.97 10.08 19.72
C TYR C 14 37.68 11.31 20.56
N SER C 15 38.21 12.44 20.13
CA SER C 15 37.99 13.65 20.88
C SER C 15 36.57 14.21 20.70
N LYS C 16 35.64 13.40 20.22
CA LYS C 16 34.26 13.88 20.06
C LYS C 16 33.24 13.04 20.83
N LEU C 17 33.75 12.17 21.70
CA LEU C 17 32.94 11.19 22.44
C LEU C 17 32.08 11.81 23.55
N PRO C 18 31.39 10.95 24.31
CA PRO C 18 30.66 11.49 25.46
C PRO C 18 31.37 11.13 26.76
#